data_7NX2
#
_entry.id   7NX2
#
_cell.length_a   81.240
_cell.length_b   87.090
_cell.length_c   126.630
_cell.angle_alpha   90.000
_cell.angle_beta   90.000
_cell.angle_gamma   90.000
#
_symmetry.space_group_name_H-M   'P 21 21 21'
#
loop_
_entity.id
_entity.type
_entity.pdbx_description
1 polymer 'FAb 324 Light Chain'
2 polymer 'FAb 324 Heavy Chain'
3 non-polymer 'SULFATE ION'
4 water water
#
loop_
_entity_poly.entity_id
_entity_poly.type
_entity_poly.pdbx_seq_one_letter_code
_entity_poly.pdbx_strand_id
1 'polypeptide(L)'
;DIVLTQSPASLAVSLGQRATISCRASESVDNYGISFMNWFQQKPGQPPKLLIYAASNQGSGVPARFSGSGSGTDFSLNIH
PMEEDDTAMYFCQQSKEVPWTFGGGTKLEIKRADAAPTVSIFPPSSEQLTSGGASVVCFLNNFYPKDINVKWKIDGSERQ
NGVLNSWTDQDSKDSTYSMSSTLTLTKDEYERHNSYTCEATHKTSTSPIVKSFNRNEC
;
A,C
2 'polypeptide(L)'
;QVQLQQSGAELVKPGASVKISCKASGYAFSSYWVNWVKQRPGKGLEWIGQIYPGDGDTNYNGKFKGKATLTADKSSSTAY
MQLSSLTSEDSAVYFCARSRGYFYGSTYDSWGQGTTLTVSSAKTTPPSVYPLAPGSAAQTNSMVTLGCLVKGYFPEPVTV
TWNSGSLSSGVHTFPAVLQSDLYTLSSSVTVPSSTWPSETVTCNVAHPASSTKVDKKIVPRDCGGGTDEVD
;
B,D
#
# COMPACT_ATOMS: atom_id res chain seq x y z
N ASP A 1 19.48 16.78 28.11
CA ASP A 1 18.90 16.03 26.96
C ASP A 1 19.37 14.58 27.04
N ILE A 2 18.59 13.65 26.48
CA ILE A 2 18.95 12.24 26.41
C ILE A 2 19.67 11.96 25.09
N VAL A 3 20.87 11.42 25.18
CA VAL A 3 21.66 11.04 24.01
C VAL A 3 21.47 9.56 23.74
N LEU A 4 21.18 9.22 22.48
CA LEU A 4 21.03 7.84 22.04
C LEU A 4 22.23 7.47 21.15
N THR A 5 22.96 6.42 21.53
CA THR A 5 24.13 5.96 20.79
C THR A 5 23.82 4.60 20.18
N GLN A 6 23.86 4.54 18.83
CA GLN A 6 23.56 3.30 18.11
C GLN A 6 24.85 2.59 17.76
N SER A 7 24.77 1.27 17.75
CA SER A 7 25.93 0.45 17.38
C SER A 7 25.42 -0.74 16.58
N PRO A 8 26.07 -1.11 15.48
CA PRO A 8 27.20 -0.45 14.80
C PRO A 8 26.67 0.66 13.91
N ALA A 9 27.58 1.47 13.37
CA ALA A 9 27.15 2.48 12.42
C ALA A 9 26.76 1.86 11.09
N SER A 10 27.40 0.74 10.73
CA SER A 10 27.12 0.06 9.49
C SER A 10 27.20 -1.44 9.73
N LEU A 11 26.36 -2.18 9.02
CA LEU A 11 26.25 -3.62 9.17
C LEU A 11 25.85 -4.20 7.83
N ALA A 12 26.47 -5.34 7.48
CA ALA A 12 26.08 -6.09 6.29
C ALA A 12 25.77 -7.51 6.74
N VAL A 13 24.63 -8.02 6.28
CA VAL A 13 24.09 -9.31 6.75
C VAL A 13 23.61 -10.11 5.55
N SER A 14 23.81 -11.42 5.60
CA SER A 14 23.38 -12.27 4.49
C SER A 14 21.90 -12.57 4.57
N LEU A 15 21.32 -12.85 3.40
CA LEU A 15 19.92 -13.24 3.31
C LEU A 15 19.64 -14.40 4.25
N GLY A 16 18.54 -14.30 5.00
CA GLY A 16 18.13 -15.35 5.92
C GLY A 16 18.77 -15.30 7.29
N GLN A 17 19.82 -14.50 7.47
CA GLN A 17 20.53 -14.43 8.75
C GLN A 17 19.90 -13.37 9.66
N ARG A 18 20.52 -13.16 10.81
CA ARG A 18 20.02 -12.24 11.83
C ARG A 18 20.86 -10.98 11.87
N ALA A 19 20.19 -9.83 11.90
CA ALA A 19 20.82 -8.55 12.14
C ALA A 19 20.41 -8.08 13.52
N THR A 20 21.36 -7.57 14.29
CA THR A 20 21.06 -6.99 15.59
C THR A 20 21.65 -5.59 15.65
N ILE A 21 20.83 -4.61 15.99
CA ILE A 21 21.23 -3.22 16.09
C ILE A 21 20.97 -2.77 17.51
N SER A 22 21.93 -2.09 18.11
CA SER A 22 21.81 -1.69 19.51
C SER A 22 21.65 -0.18 19.66
N CYS A 23 20.94 0.20 20.72
CA CYS A 23 20.77 1.61 21.05
C CYS A 23 20.91 1.71 22.56
N ARG A 24 21.80 2.58 23.00
CA ARG A 24 22.03 2.83 24.42
C ARG A 24 21.75 4.30 24.72
N ALA A 25 20.96 4.54 25.75
CA ALA A 25 20.56 5.89 26.13
C ALA A 25 21.39 6.36 27.32
N SER A 26 21.62 7.67 27.37
CA SER A 26 22.42 8.25 28.46
C SER A 26 21.70 8.21 29.80
N GLU A 27 20.38 8.05 29.79
CA GLU A 27 19.60 7.89 31.00
C GLU A 27 18.36 7.10 30.60
N SER A 28 17.64 6.61 31.62
CA SER A 28 16.51 5.73 31.34
C SER A 28 15.48 6.40 30.44
N VAL A 29 14.93 5.62 29.52
CA VAL A 29 13.83 6.10 28.67
C VAL A 29 12.52 5.39 29.00
N ASP A 30 12.44 4.82 30.20
CA ASP A 30 11.24 4.15 30.66
C ASP A 30 10.71 4.84 31.92
N ASN A 31 9.42 4.68 32.16
CA ASN A 31 8.85 5.03 33.46
C ASN A 31 7.58 4.23 33.65
N TYR A 32 7.30 3.88 34.90
CA TYR A 32 6.11 3.11 35.23
C TYR A 32 6.03 1.79 34.47
N GLY A 33 7.18 1.23 34.08
CA GLY A 33 7.20 0.02 33.28
C GLY A 33 6.87 0.21 31.81
N ILE A 34 6.64 1.43 31.36
CA ILE A 34 6.38 1.79 29.97
C ILE A 34 7.71 2.23 29.38
N SER A 35 7.98 1.80 28.17
CA SER A 35 9.16 2.25 27.45
C SER A 35 8.76 3.29 26.40
N PHE A 36 9.56 4.34 26.30
CA PHE A 36 9.39 5.36 25.27
C PHE A 36 10.45 5.24 24.19
N MET A 37 10.97 4.04 24.00
CA MET A 37 11.95 3.72 22.96
C MET A 37 11.22 3.18 21.74
N ASN A 38 11.47 3.76 20.58
CA ASN A 38 10.82 3.34 19.33
C ASN A 38 11.89 3.19 18.26
N TRP A 39 11.61 2.33 17.30
CA TRP A 39 12.54 2.03 16.22
C TRP A 39 11.89 2.27 14.86
N PHE A 40 12.68 2.85 13.94
CA PHE A 40 12.20 3.23 12.61
C PHE A 40 13.15 2.75 11.52
N GLN A 41 12.58 2.50 10.36
CA GLN A 41 13.31 2.18 9.14
C GLN A 41 13.15 3.36 8.17
N GLN A 42 14.21 3.70 7.46
CA GLN A 42 14.12 4.78 6.47
C GLN A 42 14.80 4.35 5.18
N LYS A 43 14.05 4.35 4.14
CA LYS A 43 14.55 4.07 2.81
C LYS A 43 14.75 5.36 2.05
N PRO A 44 15.58 5.34 1.01
CA PRO A 44 15.95 6.59 0.34
C PRO A 44 14.76 7.37 -0.16
N GLY A 45 14.77 8.67 0.14
CA GLY A 45 13.76 9.60 -0.33
C GLY A 45 12.44 9.52 0.39
N GLN A 46 12.34 8.70 1.43
CA GLN A 46 11.10 8.46 2.15
C GLN A 46 11.23 8.97 3.59
N PRO A 47 10.13 9.28 4.24
CA PRO A 47 10.18 9.49 5.70
C PRO A 47 10.43 8.17 6.41
N PRO A 48 10.88 8.23 7.65
CA PRO A 48 10.98 7.02 8.47
C PRO A 48 9.63 6.32 8.58
N LYS A 49 9.71 5.01 8.82
CA LYS A 49 8.55 4.14 8.98
C LYS A 49 8.69 3.40 10.30
N LEU A 50 7.62 3.38 11.10
CA LEU A 50 7.65 2.70 12.38
C LEU A 50 7.81 1.19 12.22
N LEU A 51 8.73 0.62 13.02
CA LEU A 51 8.88 -0.82 13.14
C LEU A 51 8.39 -1.32 14.49
N ILE A 52 8.92 -0.76 15.57
CA ILE A 52 8.71 -1.24 16.93
C ILE A 52 8.42 -0.02 17.81
N TYR A 53 7.35 -0.08 18.59
CA TYR A 53 7.07 0.98 19.55
C TYR A 53 7.11 0.45 20.97
N ALA A 54 7.42 1.34 21.89
CA ALA A 54 7.52 1.02 23.30
C ALA A 54 8.36 -0.22 23.52
N ALA A 55 9.54 -0.20 22.90
CA ALA A 55 10.61 -1.18 23.05
C ALA A 55 10.39 -2.50 22.34
N SER A 56 9.15 -3.04 22.35
CA SER A 56 8.98 -4.42 21.91
C SER A 56 7.71 -4.71 21.13
N ASN A 57 6.90 -3.71 20.80
CA ASN A 57 5.63 -3.95 20.14
C ASN A 57 5.75 -3.69 18.65
N GLN A 58 5.28 -4.66 17.84
CA GLN A 58 5.27 -4.46 16.40
C GLN A 58 4.26 -3.38 16.03
N GLY A 59 4.68 -2.45 15.20
CA GLY A 59 3.73 -1.50 14.64
C GLY A 59 2.71 -2.20 13.77
N SER A 60 1.61 -1.51 13.52
CA SER A 60 0.58 -2.04 12.63
C SER A 60 1.20 -2.44 11.29
N GLY A 61 0.96 -3.69 10.87
CA GLY A 61 1.43 -4.19 9.60
C GLY A 61 2.89 -4.59 9.55
N VAL A 62 3.63 -4.45 10.64
CA VAL A 62 5.06 -4.77 10.63
C VAL A 62 5.23 -6.27 10.83
N PRO A 63 6.02 -6.93 9.99
CA PRO A 63 6.17 -8.39 10.09
C PRO A 63 6.88 -8.85 11.36
N ALA A 64 6.61 -10.11 11.71
CA ALA A 64 7.20 -10.71 12.90
C ALA A 64 8.71 -10.88 12.79
N ARG A 65 9.29 -10.76 11.60
CA ARG A 65 10.75 -10.84 11.50
C ARG A 65 11.42 -9.67 12.21
N PHE A 66 10.69 -8.61 12.55
CA PHE A 66 11.22 -7.48 13.33
C PHE A 66 10.82 -7.66 14.78
N SER A 67 11.79 -7.53 15.68
CA SER A 67 11.49 -7.60 17.10
C SER A 67 12.38 -6.62 17.85
N GLY A 68 11.96 -6.27 19.06
CA GLY A 68 12.73 -5.38 19.89
C GLY A 68 12.83 -5.88 21.32
N SER A 69 13.96 -5.53 21.96
CA SER A 69 14.21 -5.92 23.33
C SER A 69 14.76 -4.73 24.08
N GLY A 70 14.63 -4.77 25.40
CA GLY A 70 15.40 -3.90 26.25
C GLY A 70 14.55 -3.15 27.25
N SER A 71 15.25 -2.44 28.12
CA SER A 71 14.63 -1.65 29.16
C SER A 71 15.69 -0.71 29.70
N GLY A 72 15.23 0.31 30.42
CA GLY A 72 16.13 1.27 31.02
C GLY A 72 16.90 2.08 30.01
N THR A 73 18.20 1.77 29.89
CA THR A 73 19.09 2.44 28.96
C THR A 73 19.54 1.56 27.80
N ASP A 74 19.20 0.28 27.78
CA ASP A 74 19.77 -0.65 26.81
C ASP A 74 18.68 -1.30 25.96
N PHE A 75 18.78 -1.12 24.65
CA PHE A 75 17.77 -1.59 23.74
C PHE A 75 18.41 -2.16 22.49
N SER A 76 17.65 -3.04 21.84
CA SER A 76 18.13 -3.63 20.60
C SER A 76 16.98 -3.96 19.68
N LEU A 77 17.26 -3.87 18.39
CA LEU A 77 16.36 -4.26 17.32
C LEU A 77 16.95 -5.49 16.63
N ASN A 78 16.12 -6.49 16.39
CA ASN A 78 16.52 -7.70 15.69
C ASN A 78 15.68 -7.88 14.44
N ILE A 79 16.33 -8.33 13.38
CA ILE A 79 15.65 -8.67 12.14
C ILE A 79 16.08 -10.08 11.78
N HIS A 80 15.13 -10.98 11.68
CA HIS A 80 15.45 -12.36 11.35
C HIS A 80 14.21 -13.06 10.83
N PRO A 81 14.24 -13.64 9.63
CA PRO A 81 15.33 -13.65 8.65
C PRO A 81 15.46 -12.35 7.85
N MET A 82 16.69 -11.95 7.59
CA MET A 82 16.95 -10.78 6.76
C MET A 82 16.48 -11.02 5.33
N GLU A 83 15.85 -10.00 4.74
CA GLU A 83 15.36 -10.09 3.38
C GLU A 83 15.93 -8.94 2.57
N GLU A 84 15.89 -9.10 1.23
CA GLU A 84 16.51 -8.12 0.34
C GLU A 84 15.98 -6.71 0.57
N ASP A 85 14.68 -6.58 0.80
CA ASP A 85 14.13 -5.22 0.94
C ASP A 85 14.36 -4.62 2.33
N ASP A 86 15.11 -5.30 3.20
CA ASP A 86 15.47 -4.71 4.48
C ASP A 86 16.70 -3.82 4.41
N THR A 87 17.35 -3.68 3.25
CA THR A 87 18.45 -2.75 3.12
C THR A 87 17.93 -1.34 3.30
N ALA A 88 18.47 -0.62 4.29
CA ALA A 88 17.86 0.63 4.73
C ALA A 88 18.68 1.22 5.86
N MET A 89 18.33 2.45 6.25
CA MET A 89 18.79 3.02 7.50
C MET A 89 17.80 2.68 8.61
N TYR A 90 18.34 2.47 9.81
CA TYR A 90 17.53 2.18 10.98
C TYR A 90 17.90 3.15 12.09
N PHE A 91 16.87 3.67 12.76
CA PHE A 91 17.04 4.65 13.83
C PHE A 91 16.28 4.24 15.07
N CYS A 92 16.90 4.40 16.23
CA CYS A 92 16.16 4.40 17.47
C CYS A 92 15.80 5.85 17.84
N GLN A 93 14.85 5.98 18.75
CA GLN A 93 14.25 7.27 19.06
C GLN A 93 13.62 7.20 20.43
N GLN A 94 13.74 8.25 21.22
CA GLN A 94 13.10 8.27 22.53
C GLN A 94 12.13 9.45 22.62
N SER A 95 10.95 9.15 23.16
CA SER A 95 9.90 10.13 23.42
C SER A 95 9.64 10.26 24.92
N LYS A 96 10.63 9.93 25.74
CA LYS A 96 10.40 10.06 27.17
C LYS A 96 10.52 11.50 27.63
N GLU A 97 11.53 12.21 27.14
CA GLU A 97 11.89 13.53 27.64
C GLU A 97 12.00 14.51 26.49
N VAL A 98 11.32 15.66 26.62
CA VAL A 98 11.53 16.75 25.68
C VAL A 98 12.92 17.33 25.88
N PRO A 99 13.72 17.53 24.83
CA PRO A 99 13.39 17.23 23.43
C PRO A 99 13.53 15.75 23.08
N TRP A 100 12.58 15.24 22.32
CA TRP A 100 12.71 13.89 21.79
C TRP A 100 13.95 13.83 20.93
N THR A 101 14.64 12.68 20.96
CA THR A 101 15.90 12.56 20.26
C THR A 101 15.95 11.24 19.52
N PHE A 102 16.82 11.21 18.53
CA PHE A 102 17.08 10.04 17.70
C PHE A 102 18.52 9.58 17.88
N GLY A 103 18.74 8.28 17.71
CA GLY A 103 20.07 7.77 17.52
C GLY A 103 20.65 8.22 16.19
N GLY A 104 21.95 7.98 16.03
CA GLY A 104 22.65 8.45 14.84
C GLY A 104 22.43 7.64 13.59
N GLY A 105 21.76 6.51 13.71
CA GLY A 105 21.46 5.70 12.55
C GLY A 105 22.43 4.55 12.38
N THR A 106 21.91 3.47 11.80
CA THR A 106 22.70 2.30 11.40
C THR A 106 22.34 1.99 9.97
N LYS A 107 23.36 1.89 9.11
CA LYS A 107 23.13 1.52 7.71
C LYS A 107 23.25 0.01 7.61
N LEU A 108 22.14 -0.64 7.30
CA LEU A 108 22.08 -2.09 7.19
C LEU A 108 21.96 -2.46 5.72
N GLU A 109 22.94 -3.21 5.24
CA GLU A 109 22.97 -3.63 3.84
C GLU A 109 22.99 -5.15 3.78
N ILE A 110 22.63 -5.68 2.62
CA ILE A 110 22.54 -7.11 2.38
C ILE A 110 23.82 -7.60 1.73
N LYS A 111 24.32 -8.75 2.18
CA LYS A 111 25.40 -9.42 1.48
C LYS A 111 24.83 -10.33 0.41
N ARG A 112 25.57 -10.45 -0.69
CA ARG A 112 25.22 -11.36 -1.76
C ARG A 112 26.51 -11.77 -2.47
N ALA A 113 26.37 -12.61 -3.49
CA ALA A 113 27.53 -13.03 -4.25
C ALA A 113 28.04 -11.90 -5.12
N ASP A 114 29.34 -11.89 -5.36
CA ASP A 114 29.96 -10.85 -6.15
C ASP A 114 29.43 -10.88 -7.58
N ALA A 115 29.32 -9.71 -8.16
CA ALA A 115 28.82 -9.55 -9.52
C ALA A 115 29.62 -8.45 -10.21
N ALA A 116 30.11 -8.75 -11.40
CA ALA A 116 30.83 -7.75 -12.17
C ALA A 116 29.88 -6.72 -12.75
N PRO A 117 30.34 -5.47 -12.89
CA PRO A 117 29.46 -4.44 -13.46
C PRO A 117 29.25 -4.67 -14.96
N THR A 118 28.09 -4.22 -15.42
CA THR A 118 27.82 -4.03 -16.84
C THR A 118 28.23 -2.60 -17.16
N VAL A 119 29.24 -2.44 -18.01
CA VAL A 119 29.88 -1.16 -18.27
C VAL A 119 29.46 -0.63 -19.63
N SER A 120 29.10 0.66 -19.68
CA SER A 120 28.74 1.33 -20.92
C SER A 120 29.38 2.71 -20.93
N ILE A 121 30.01 3.08 -22.05
CA ILE A 121 30.64 4.38 -22.23
C ILE A 121 29.93 5.16 -23.34
N PHE A 122 29.83 6.49 -23.17
CA PHE A 122 29.11 7.33 -24.10
C PHE A 122 29.93 8.55 -24.48
N PRO A 123 30.11 8.82 -25.76
CA PRO A 123 30.74 10.08 -26.16
C PRO A 123 29.84 11.26 -25.80
N PRO A 124 30.40 12.46 -25.78
CA PRO A 124 29.57 13.66 -25.64
C PRO A 124 28.50 13.69 -26.74
N SER A 125 27.33 14.20 -26.38
CA SER A 125 26.30 14.43 -27.37
C SER A 125 26.70 15.55 -28.32
N SER A 126 26.22 15.47 -29.56
CA SER A 126 26.45 16.57 -30.48
C SER A 126 25.88 17.87 -29.95
N GLU A 127 24.78 17.78 -29.20
CA GLU A 127 24.15 18.97 -28.62
C GLU A 127 25.09 19.67 -27.65
N GLN A 128 25.76 18.91 -26.78
CA GLN A 128 26.67 19.54 -25.83
C GLN A 128 27.85 20.18 -26.53
N LEU A 129 28.34 19.53 -27.58
CA LEU A 129 29.47 20.08 -28.33
C LEU A 129 29.12 21.42 -28.95
N THR A 130 27.87 21.61 -29.38
CA THR A 130 27.52 22.90 -29.96
C THR A 130 27.56 24.02 -28.94
N SER A 131 27.53 23.71 -27.64
CA SER A 131 27.65 24.76 -26.64
C SER A 131 29.03 24.88 -26.03
N GLY A 132 30.00 24.10 -26.52
CA GLY A 132 31.38 24.25 -26.12
C GLY A 132 31.87 23.33 -25.03
N GLY A 133 31.04 22.40 -24.56
CA GLY A 133 31.43 21.48 -23.53
C GLY A 133 31.44 20.05 -24.04
N ALA A 134 32.04 19.15 -23.24
CA ALA A 134 32.17 17.76 -23.65
C ALA A 134 32.28 16.88 -22.41
N SER A 135 31.17 16.22 -22.08
CA SER A 135 31.12 15.29 -20.98
C SER A 135 31.11 13.88 -21.54
N VAL A 136 32.01 13.05 -21.05
CA VAL A 136 32.04 11.63 -21.39
C VAL A 136 31.49 10.88 -20.20
N VAL A 137 30.51 10.00 -20.44
CA VAL A 137 29.78 9.34 -19.35
C VAL A 137 30.04 7.84 -19.41
N CYS A 138 30.25 7.26 -18.24
CA CYS A 138 30.42 5.81 -18.09
C CYS A 138 29.50 5.32 -17.00
N PHE A 139 28.68 4.32 -17.30
CA PHE A 139 27.86 3.66 -16.32
C PHE A 139 28.47 2.30 -15.98
N LEU A 140 28.49 1.99 -14.70
CA LEU A 140 28.96 0.72 -14.19
C LEU A 140 27.77 0.19 -13.39
N ASN A 141 26.99 -0.71 -13.98
CA ASN A 141 25.69 -1.04 -13.41
C ASN A 141 25.63 -2.46 -12.86
N ASN A 142 24.90 -2.59 -11.75
CA ASN A 142 24.47 -3.87 -11.18
C ASN A 142 25.64 -4.75 -10.77
N PHE A 143 26.48 -4.20 -9.89
CA PHE A 143 27.66 -4.90 -9.40
C PHE A 143 27.60 -5.10 -7.90
N TYR A 144 28.46 -5.98 -7.41
CA TYR A 144 28.60 -6.22 -5.98
C TYR A 144 30.01 -6.78 -5.75
N PRO A 145 30.72 -6.33 -4.71
CA PRO A 145 30.32 -5.38 -3.66
C PRO A 145 30.40 -3.93 -4.08
N LYS A 146 30.04 -3.03 -3.16
CA LYS A 146 29.90 -1.63 -3.53
C LYS A 146 31.25 -1.00 -3.84
N ASP A 147 32.32 -1.50 -3.26
CA ASP A 147 33.63 -0.89 -3.45
C ASP A 147 34.15 -1.30 -4.82
N ILE A 148 34.32 -0.32 -5.68
CA ILE A 148 34.74 -0.55 -7.05
C ILE A 148 35.56 0.66 -7.41
N ASN A 149 36.50 0.48 -8.33
CA ASN A 149 37.32 1.57 -8.78
C ASN A 149 37.09 1.76 -10.27
N VAL A 150 36.88 3.01 -10.65
CA VAL A 150 36.73 3.39 -12.05
C VAL A 150 37.98 4.16 -12.43
N LYS A 151 38.56 3.80 -13.57
CA LYS A 151 39.72 4.50 -14.09
C LYS A 151 39.38 4.97 -15.49
N TRP A 152 39.72 6.21 -15.78
CA TRP A 152 39.60 6.77 -17.11
C TRP A 152 40.99 6.82 -17.76
N LYS A 153 41.03 6.52 -19.06
CA LYS A 153 42.21 6.71 -19.86
C LYS A 153 41.83 7.49 -21.12
N ILE A 154 42.71 8.41 -21.51
CA ILE A 154 42.58 9.16 -22.75
C ILE A 154 43.85 8.86 -23.54
N ASP A 155 43.70 8.30 -24.73
CA ASP A 155 44.87 7.94 -25.56
C ASP A 155 45.91 7.18 -24.74
N GLY A 156 45.43 6.27 -23.89
CA GLY A 156 46.28 5.38 -23.14
C GLY A 156 46.78 5.90 -21.81
N SER A 157 46.55 7.17 -21.49
CA SER A 157 47.07 7.79 -20.28
C SER A 157 45.95 7.96 -19.26
N GLU A 158 46.20 7.56 -18.01
CA GLU A 158 45.19 7.73 -16.98
C GLU A 158 44.85 9.22 -16.83
N ARG A 159 43.57 9.49 -16.61
CA ARG A 159 43.07 10.86 -16.45
C ARG A 159 42.25 10.90 -15.17
N GLN A 160 42.61 11.81 -14.27
CA GLN A 160 41.92 11.96 -13.00
C GLN A 160 41.19 13.29 -12.84
N ASN A 161 41.71 14.38 -13.38
CA ASN A 161 41.01 15.66 -13.24
C ASN A 161 39.79 15.69 -14.15
N GLY A 162 38.74 16.32 -13.63
CA GLY A 162 37.48 16.45 -14.34
C GLY A 162 36.52 15.30 -14.18
N VAL A 163 36.79 14.36 -13.28
CA VAL A 163 35.95 13.19 -13.07
C VAL A 163 35.07 13.41 -11.86
N LEU A 164 33.78 13.11 -12.00
CA LEU A 164 32.85 13.12 -10.89
C LEU A 164 32.03 11.83 -10.90
N ASN A 165 31.88 11.24 -9.72
CA ASN A 165 31.24 9.94 -9.58
C ASN A 165 30.02 10.05 -8.68
N SER A 166 29.05 9.20 -8.96
CA SER A 166 27.86 9.07 -8.15
C SER A 166 27.44 7.61 -8.07
N TRP A 167 27.05 7.17 -6.89
CA TRP A 167 26.65 5.80 -6.63
C TRP A 167 25.20 5.73 -6.19
N THR A 168 24.48 4.72 -6.66
CA THR A 168 23.15 4.46 -6.15
C THR A 168 23.21 3.77 -4.79
N ASP A 169 22.09 3.84 -4.08
CA ASP A 169 21.93 3.03 -2.90
C ASP A 169 21.68 1.57 -3.31
N GLN A 170 21.91 0.66 -2.38
CA GLN A 170 21.75 -0.76 -2.68
C GLN A 170 20.34 -1.04 -3.21
N ASP A 171 20.28 -1.81 -4.29
CA ASP A 171 19.01 -2.18 -4.89
C ASP A 171 18.21 -3.06 -3.94
N SER A 172 16.92 -2.72 -3.77
CA SER A 172 16.10 -3.44 -2.81
C SER A 172 15.64 -4.80 -3.29
N LYS A 173 15.84 -5.12 -4.57
CA LYS A 173 15.43 -6.38 -5.17
C LYS A 173 16.59 -7.33 -5.42
N ASP A 174 17.69 -6.86 -6.03
CA ASP A 174 18.80 -7.74 -6.36
C ASP A 174 20.08 -7.46 -5.57
N SER A 175 20.05 -6.50 -4.67
CA SER A 175 21.13 -6.24 -3.72
C SER A 175 22.42 -5.76 -4.38
N THR A 176 22.32 -5.27 -5.62
CA THR A 176 23.50 -4.74 -6.31
C THR A 176 23.59 -3.22 -6.12
N TYR A 177 24.69 -2.67 -6.63
CA TYR A 177 24.97 -1.26 -6.65
C TYR A 177 25.25 -0.85 -8.09
N SER A 178 25.08 0.44 -8.37
CA SER A 178 25.45 0.98 -9.67
C SER A 178 26.14 2.32 -9.45
N MET A 179 26.91 2.74 -10.45
CA MET A 179 27.61 4.02 -10.35
C MET A 179 27.71 4.64 -11.74
N SER A 180 27.75 5.95 -11.76
CA SER A 180 27.98 6.73 -12.95
C SER A 180 29.24 7.54 -12.74
N SER A 181 30.08 7.62 -13.77
CA SER A 181 31.30 8.41 -13.71
C SER A 181 31.28 9.32 -14.93
N THR A 182 31.50 10.61 -14.72
CA THR A 182 31.44 11.59 -15.79
C THR A 182 32.74 12.36 -15.82
N LEU A 183 33.38 12.35 -16.99
CA LEU A 183 34.59 13.12 -17.24
C LEU A 183 34.21 14.33 -18.09
N THR A 184 34.36 15.53 -17.54
CA THR A 184 33.97 16.73 -18.27
C THR A 184 35.20 17.49 -18.74
N LEU A 185 35.24 17.76 -20.04
CA LEU A 185 36.31 18.50 -20.71
C LEU A 185 35.67 19.67 -21.46
N THR A 186 36.52 20.58 -21.95
CA THR A 186 36.04 21.52 -22.95
C THR A 186 35.95 20.81 -24.30
N LYS A 187 35.17 21.38 -25.21
CA LYS A 187 35.12 20.82 -26.57
C LYS A 187 36.52 20.78 -27.17
N ASP A 188 37.30 21.85 -27.01
CA ASP A 188 38.63 21.89 -27.61
C ASP A 188 39.53 20.78 -27.05
N GLU A 189 39.47 20.51 -25.75
CA GLU A 189 40.27 19.42 -25.18
C GLU A 189 39.77 18.07 -25.65
N TYR A 190 38.46 17.88 -25.71
CA TYR A 190 37.91 16.62 -26.20
C TYR A 190 38.36 16.36 -27.62
N GLU A 191 38.36 17.41 -28.46
CA GLU A 191 38.74 17.26 -29.86
C GLU A 191 40.24 17.08 -30.07
N ARG A 192 41.04 17.21 -29.02
CA ARG A 192 42.48 17.04 -29.13
C ARG A 192 42.90 15.59 -28.93
N HIS A 193 42.00 14.70 -28.53
CA HIS A 193 42.34 13.31 -28.29
C HIS A 193 41.46 12.39 -29.12
N ASN A 194 41.86 11.11 -29.17
CA ASN A 194 41.16 10.11 -29.97
C ASN A 194 40.44 9.10 -29.12
N SER A 195 41.15 8.28 -28.35
CA SER A 195 40.50 7.16 -27.66
C SER A 195 40.18 7.54 -26.23
N TYR A 196 38.96 7.18 -25.81
CA TYR A 196 38.46 7.41 -24.46
C TYR A 196 38.05 6.06 -23.89
N THR A 197 38.54 5.75 -22.69
CA THR A 197 38.34 4.45 -22.07
C THR A 197 37.89 4.62 -20.64
N CYS A 198 36.91 3.80 -20.25
N CYS A 198 36.89 3.85 -20.23
CA CYS A 198 36.44 3.66 -18.88
CA CYS A 198 36.54 3.74 -18.81
C CYS A 198 36.72 2.23 -18.44
C CYS A 198 36.65 2.29 -18.39
N GLU A 199 37.35 2.06 -17.28
CA GLU A 199 37.71 0.74 -16.79
C GLU A 199 37.18 0.57 -15.37
N ALA A 200 36.62 -0.60 -15.08
CA ALA A 200 36.21 -0.95 -13.74
C ALA A 200 37.19 -1.99 -13.21
N THR A 201 37.74 -1.74 -12.02
CA THR A 201 38.54 -2.73 -11.32
C THR A 201 37.82 -3.09 -10.01
N PRO A 208 40.53 -5.98 -15.39
CA PRO A 208 39.43 -5.02 -15.39
C PRO A 208 38.47 -5.21 -16.55
N ILE A 209 37.27 -4.67 -16.39
CA ILE A 209 36.30 -4.55 -17.47
C ILE A 209 36.51 -3.20 -18.14
N VAL A 210 36.69 -3.22 -19.45
CA VAL A 210 37.11 -2.06 -20.22
C VAL A 210 36.10 -1.79 -21.33
N LYS A 211 35.67 -0.53 -21.43
CA LYS A 211 34.90 -0.07 -22.58
C LYS A 211 35.54 1.19 -23.13
N SER A 212 35.56 1.31 -24.46
CA SER A 212 36.22 2.44 -25.10
C SER A 212 35.44 2.87 -26.33
N PHE A 213 35.75 4.10 -26.75
CA PHE A 213 35.37 4.55 -28.09
C PHE A 213 36.48 5.43 -28.63
N ASN A 214 36.49 5.62 -29.94
CA ASN A 214 37.39 6.59 -30.57
C ASN A 214 36.55 7.72 -31.15
N ARG A 215 37.02 8.95 -30.95
CA ARG A 215 36.32 10.13 -31.45
C ARG A 215 36.38 10.12 -32.97
N ASN A 216 35.24 10.13 -33.62
CA ASN A 216 35.25 10.12 -35.09
C ASN A 216 34.52 11.35 -35.59
N GLN B 1 -7.70 6.99 4.78
CA GLN B 1 -6.57 6.63 5.70
C GLN B 1 -5.96 7.87 6.35
N VAL B 2 -5.21 7.66 7.43
CA VAL B 2 -4.46 8.75 8.05
C VAL B 2 -3.37 9.22 7.09
N GLN B 3 -3.35 10.53 6.81
CA GLN B 3 -2.40 11.09 5.86
C GLN B 3 -1.99 12.49 6.27
N LEU B 4 -0.71 12.79 6.09
CA LEU B 4 -0.16 14.14 6.24
C LEU B 4 0.46 14.53 4.91
N GLN B 5 0.09 15.69 4.38
CA GLN B 5 0.55 16.16 3.08
C GLN B 5 1.24 17.51 3.26
N GLN B 6 2.52 17.58 2.91
CA GLN B 6 3.31 18.79 3.11
C GLN B 6 3.40 19.63 1.84
N SER B 7 3.72 20.91 2.07
CA SER B 7 3.90 21.86 0.98
C SER B 7 5.19 21.57 0.23
N GLY B 8 5.34 22.26 -0.91
CA GLY B 8 6.42 21.93 -1.81
C GLY B 8 7.78 22.53 -1.45
N ALA B 9 8.79 22.10 -2.20
CA ALA B 9 10.15 22.56 -1.98
C ALA B 9 10.25 24.07 -2.12
N GLU B 10 11.17 24.67 -1.38
CA GLU B 10 11.38 26.10 -1.43
C GLU B 10 12.88 26.42 -1.48
N LEU B 11 13.23 27.40 -2.30
CA LEU B 11 14.55 28.01 -2.35
C LEU B 11 14.39 29.44 -1.86
N VAL B 12 15.15 29.81 -0.82
CA VAL B 12 15.03 31.13 -0.22
C VAL B 12 16.43 31.68 0.03
N LYS B 13 16.54 33.00 0.02
CA LYS B 13 17.85 33.59 0.24
C LYS B 13 18.17 33.68 1.72
N PRO B 14 19.45 33.68 2.07
CA PRO B 14 19.83 33.84 3.48
C PRO B 14 19.19 35.09 4.06
N GLY B 15 18.75 34.99 5.31
CA GLY B 15 18.15 36.11 6.01
C GLY B 15 16.64 36.18 5.93
N ALA B 16 16.05 35.48 4.97
CA ALA B 16 14.61 35.45 4.81
C ALA B 16 13.98 34.46 5.79
N SER B 17 12.66 34.34 5.72
CA SER B 17 11.89 33.37 6.48
C SER B 17 11.08 32.54 5.51
N VAL B 18 10.59 31.39 5.99
CA VAL B 18 9.71 30.53 5.20
C VAL B 18 8.73 29.89 6.16
N LYS B 19 7.54 29.57 5.65
CA LYS B 19 6.52 28.85 6.40
C LYS B 19 6.09 27.63 5.60
N ILE B 20 6.30 26.45 6.18
CA ILE B 20 5.96 25.15 5.57
C ILE B 20 4.69 24.66 6.21
N SER B 21 3.87 23.95 5.43
CA SER B 21 2.59 23.47 5.92
C SER B 21 2.52 21.96 5.86
N CYS B 22 1.60 21.42 6.67
CA CYS B 22 1.33 20.02 6.81
C CYS B 22 -0.16 19.85 7.00
N LYS B 23 -0.84 19.33 5.99
CA LYS B 23 -2.28 19.18 6.04
C LYS B 23 -2.65 17.73 6.37
N ALA B 24 -3.46 17.55 7.40
CA ALA B 24 -3.87 16.25 7.89
C ALA B 24 -5.23 15.86 7.36
N SER B 25 -5.43 14.56 7.18
CA SER B 25 -6.73 14.02 6.84
C SER B 25 -6.84 12.61 7.40
N GLY B 26 -8.09 12.14 7.52
CA GLY B 26 -8.36 10.78 7.92
C GLY B 26 -8.48 10.53 9.40
N TYR B 27 -8.48 11.58 10.22
CA TYR B 27 -8.59 11.44 11.66
C TYR B 27 -8.91 12.80 12.27
N ALA B 28 -9.14 12.79 13.58
CA ALA B 28 -9.48 14.01 14.31
C ALA B 28 -8.21 14.80 14.60
N PHE B 29 -7.96 15.83 13.79
CA PHE B 29 -6.72 16.59 13.85
C PHE B 29 -6.47 17.22 15.22
N SER B 30 -7.53 17.63 15.91
CA SER B 30 -7.36 18.32 17.17
C SER B 30 -6.75 17.45 18.26
N SER B 31 -6.79 16.12 18.11
CA SER B 31 -6.59 15.22 19.23
C SER B 31 -5.22 14.57 19.28
N TYR B 32 -4.33 14.89 18.36
CA TYR B 32 -3.01 14.28 18.31
C TYR B 32 -1.92 15.32 18.09
N TRP B 33 -0.82 15.16 18.81
CA TRP B 33 0.30 16.06 18.64
C TRP B 33 0.90 15.91 17.24
N VAL B 34 1.31 17.04 16.67
CA VAL B 34 2.01 17.11 15.39
C VAL B 34 3.43 17.56 15.67
N ASN B 35 4.40 16.80 15.19
CA ASN B 35 5.81 17.02 15.47
C ASN B 35 6.48 17.45 14.18
N TRP B 36 7.58 18.20 14.31
CA TRP B 36 8.41 18.60 13.19
C TRP B 36 9.84 18.09 13.41
N VAL B 37 10.43 17.58 12.32
CA VAL B 37 11.73 16.91 12.36
C VAL B 37 12.57 17.41 11.19
N LYS B 38 13.85 17.67 11.46
CA LYS B 38 14.83 18.12 10.48
C LYS B 38 15.80 16.99 10.13
N GLN B 39 16.10 16.83 8.84
CA GLN B 39 17.09 15.86 8.39
C GLN B 39 18.01 16.55 7.39
N ARG B 40 19.28 16.71 7.75
CA ARG B 40 20.19 17.41 6.84
C ARG B 40 20.54 16.48 5.69
N PRO B 41 20.92 17.03 4.52
CA PRO B 41 21.04 16.22 3.30
C PRO B 41 21.62 14.84 3.49
N GLY B 42 22.78 14.73 4.13
CA GLY B 42 23.33 13.42 4.45
C GLY B 42 23.57 13.29 5.93
N LYS B 43 22.52 13.18 6.72
CA LYS B 43 22.68 13.24 8.17
C LYS B 43 21.52 12.55 8.86
N GLY B 44 21.52 12.65 10.19
CA GLY B 44 20.51 12.06 11.03
C GLY B 44 19.31 12.98 11.18
N LEU B 45 18.57 12.75 12.24
CA LEU B 45 17.26 13.34 12.48
C LEU B 45 17.27 14.13 13.77
N GLU B 46 16.66 15.31 13.72
CA GLU B 46 16.55 16.19 14.88
C GLU B 46 15.10 16.60 15.07
N TRP B 47 14.62 16.55 16.31
CA TRP B 47 13.27 16.96 16.61
C TRP B 47 13.26 18.44 16.92
N ILE B 48 12.38 19.18 16.25
CA ILE B 48 12.28 20.63 16.41
C ILE B 48 11.30 21.00 17.52
N GLY B 49 10.15 20.35 17.54
CA GLY B 49 9.11 20.66 18.48
C GLY B 49 7.80 20.03 18.05
N GLN B 50 6.76 20.34 18.81
CA GLN B 50 5.44 19.73 18.58
C GLN B 50 4.37 20.70 19.02
N ILE B 51 3.18 20.54 18.43
CA ILE B 51 2.01 21.33 18.75
C ILE B 51 0.81 20.42 18.93
N TYR B 52 -0.05 20.76 19.88
CA TYR B 52 -1.31 20.07 20.10
C TYR B 52 -2.40 20.91 19.46
N PRO B 53 -2.92 20.53 18.29
CA PRO B 53 -3.80 21.47 17.57
C PRO B 53 -5.08 21.84 18.28
N GLY B 54 -5.59 20.97 19.14
CA GLY B 54 -6.84 21.26 19.81
C GLY B 54 -6.80 22.54 20.60
N ASP B 55 -5.64 22.87 21.20
CA ASP B 55 -5.52 24.10 21.99
C ASP B 55 -4.31 24.96 21.65
N GLY B 56 -3.49 24.57 20.69
CA GLY B 56 -2.36 25.38 20.25
C GLY B 56 -1.12 25.30 21.14
N ASP B 57 -1.13 24.48 22.18
CA ASP B 57 0.03 24.39 23.05
C ASP B 57 1.20 23.79 22.28
N THR B 58 2.41 24.29 22.58
CA THR B 58 3.63 23.87 21.91
C THR B 58 4.71 23.49 22.91
N ASN B 59 5.53 22.52 22.51
CA ASN B 59 6.78 22.20 23.21
C ASN B 59 7.88 22.27 22.16
N TYR B 60 8.93 23.01 22.46
CA TYR B 60 10.04 23.21 21.54
C TYR B 60 11.32 22.57 22.07
N ASN B 61 12.13 22.09 21.15
CA ASN B 61 13.54 21.85 21.43
C ASN B 61 14.22 23.20 21.58
N GLY B 62 14.87 23.43 22.74
CA GLY B 62 15.51 24.71 22.97
C GLY B 62 16.49 25.09 21.88
N LYS B 63 17.08 24.10 21.20
CA LYS B 63 17.99 24.37 20.11
C LYS B 63 17.31 25.14 18.98
N PHE B 64 15.98 25.06 18.89
CA PHE B 64 15.23 25.70 17.81
C PHE B 64 14.35 26.84 18.30
N LYS B 65 14.38 27.18 19.58
CA LYS B 65 13.62 28.33 20.04
C LYS B 65 14.15 29.58 19.35
N GLY B 66 13.24 30.40 18.84
CA GLY B 66 13.63 31.57 18.09
C GLY B 66 14.09 31.32 16.67
N LYS B 67 14.27 30.06 16.29
CA LYS B 67 14.38 29.71 14.87
C LYS B 67 13.04 29.26 14.30
N ALA B 68 12.32 28.42 15.03
CA ALA B 68 11.09 27.80 14.55
C ALA B 68 9.89 28.27 15.37
N THR B 69 8.77 28.51 14.69
CA THR B 69 7.50 28.84 15.32
C THR B 69 6.43 27.92 14.79
N LEU B 70 5.74 27.20 15.68
CA LEU B 70 4.73 26.24 15.28
C LEU B 70 3.35 26.81 15.55
N THR B 71 2.46 26.71 14.54
CA THR B 71 1.07 27.09 14.70
C THR B 71 0.17 26.05 14.05
N ALA B 72 -1.14 26.20 14.24
CA ALA B 72 -2.09 25.28 13.64
C ALA B 72 -3.37 26.01 13.30
N ASP B 73 -4.03 25.55 12.26
CA ASP B 73 -5.33 26.04 11.81
C ASP B 73 -6.28 24.85 11.90
N LYS B 74 -7.07 24.79 12.98
CA LYS B 74 -7.98 23.67 13.19
C LYS B 74 -8.98 23.55 12.04
N SER B 75 -9.46 24.67 11.52
CA SER B 75 -10.53 24.60 10.55
C SER B 75 -10.09 23.88 9.28
N SER B 76 -8.84 24.05 8.87
CA SER B 76 -8.33 23.40 7.67
C SER B 76 -7.44 22.20 7.98
N SER B 77 -7.37 21.79 9.25
CA SER B 77 -6.55 20.66 9.69
C SER B 77 -5.11 20.81 9.20
N THR B 78 -4.55 22.00 9.33
CA THR B 78 -3.21 22.27 8.84
C THR B 78 -2.32 22.79 9.95
N ALA B 79 -1.11 22.22 10.06
CA ALA B 79 -0.07 22.71 10.94
C ALA B 79 0.95 23.46 10.11
N TYR B 80 1.51 24.52 10.69
CA TYR B 80 2.52 25.33 10.05
C TYR B 80 3.79 25.39 10.90
N MET B 81 4.92 25.44 10.21
CA MET B 81 6.20 25.73 10.84
C MET B 81 6.85 26.87 10.10
N GLN B 82 7.13 27.96 10.81
CA GLN B 82 7.89 29.08 10.27
C GLN B 82 9.33 28.99 10.75
N LEU B 83 10.27 29.17 9.83
CA LEU B 83 11.70 29.20 10.13
C LEU B 83 12.22 30.56 9.75
N SER B 84 12.89 31.22 10.70
CA SER B 84 13.29 32.60 10.54
C SER B 84 14.80 32.76 10.43
N SER B 85 15.22 33.93 9.97
CA SER B 85 16.62 34.33 9.89
C SER B 85 17.48 33.22 9.29
N LEU B 86 17.08 32.80 8.10
CA LEU B 86 17.59 31.55 7.54
C LEU B 86 19.06 31.66 7.14
N THR B 87 19.80 30.57 7.33
CA THR B 87 21.17 30.44 6.89
C THR B 87 21.33 29.10 6.20
N SER B 88 22.52 28.86 5.63
CA SER B 88 22.76 27.60 4.94
C SER B 88 22.63 26.40 5.87
N GLU B 89 22.82 26.61 7.17
CA GLU B 89 22.64 25.53 8.13
C GLU B 89 21.19 25.08 8.23
N ASP B 90 20.24 25.88 7.74
CA ASP B 90 18.84 25.49 7.75
C ASP B 90 18.44 24.71 6.50
N SER B 91 19.32 24.59 5.51
CA SER B 91 19.02 23.76 4.35
C SER B 91 18.89 22.31 4.79
N ALA B 92 17.75 21.69 4.49
CA ALA B 92 17.46 20.38 5.04
C ALA B 92 16.13 19.91 4.47
N VAL B 93 15.81 18.66 4.75
CA VAL B 93 14.45 18.17 4.59
C VAL B 93 13.75 18.29 5.93
N TYR B 94 12.53 18.81 5.92
CA TYR B 94 11.71 18.94 7.11
C TYR B 94 10.47 18.07 6.97
N PHE B 95 10.20 17.26 8.01
CA PHE B 95 9.03 16.42 8.05
C PHE B 95 8.08 16.85 9.14
N CYS B 96 6.79 16.68 8.91
CA CYS B 96 5.83 16.65 10.02
C CYS B 96 5.45 15.20 10.30
N ALA B 97 5.07 14.91 11.54
CA ALA B 97 4.73 13.54 11.92
C ALA B 97 3.73 13.58 13.08
N ARG B 98 2.68 12.75 12.97
CA ARG B 98 1.74 12.58 14.06
C ARG B 98 2.33 11.64 15.09
N SER B 99 2.17 11.96 16.37
CA SER B 99 2.57 11.04 17.43
C SER B 99 1.35 10.61 18.23
N ARG B 100 1.53 9.52 18.95
CA ARG B 100 0.50 8.83 19.70
C ARG B 100 0.74 8.98 21.19
N GLY B 101 -0.18 8.40 21.97
CA GLY B 101 -0.12 8.50 23.41
C GLY B 101 0.91 7.59 24.03
N TYR B 102 1.02 7.66 25.36
N TYR B 102 0.96 7.68 25.37
CA TYR B 102 2.00 6.82 26.04
CA TYR B 102 2.04 7.12 26.16
C TYR B 102 1.74 5.32 25.85
C TYR B 102 2.04 5.60 26.18
N PHE B 103 0.48 4.92 25.63
N PHE B 103 0.93 4.95 25.88
CA PHE B 103 0.18 3.52 25.39
CA PHE B 103 0.97 3.50 25.79
C PHE B 103 1.01 2.97 24.24
C PHE B 103 1.41 3.00 24.42
N TYR B 104 1.50 3.88 23.39
CA TYR B 104 2.23 3.56 22.17
C TYR B 104 3.66 4.08 22.21
N GLY B 105 4.24 4.24 23.40
CA GLY B 105 5.56 4.80 23.52
C GLY B 105 5.67 6.23 23.06
N SER B 106 4.54 6.92 22.94
CA SER B 106 4.46 8.25 22.35
C SER B 106 5.15 8.31 20.99
N THR B 107 5.02 7.24 20.21
CA THR B 107 5.73 7.09 18.93
C THR B 107 5.07 7.90 17.84
N TYR B 108 5.87 8.27 16.85
CA TYR B 108 5.32 8.73 15.57
C TYR B 108 4.64 7.56 14.87
N ASP B 109 3.46 7.81 14.26
CA ASP B 109 2.82 6.75 13.49
C ASP B 109 2.35 7.18 12.10
N SER B 110 2.61 8.41 11.69
CA SER B 110 2.29 8.85 10.35
C SER B 110 3.17 10.05 10.04
N TRP B 111 3.70 10.09 8.83
CA TRP B 111 4.65 11.11 8.42
C TRP B 111 4.20 11.79 7.14
N GLY B 112 4.44 13.09 7.06
CA GLY B 112 4.38 13.78 5.78
C GLY B 112 5.53 13.31 4.89
N GLN B 113 5.48 13.70 3.63
CA GLN B 113 6.46 13.24 2.67
C GLN B 113 7.77 14.01 2.73
N GLY B 114 7.83 15.08 3.50
CA GLY B 114 8.99 15.93 3.60
C GLY B 114 8.89 17.13 2.68
N THR B 115 9.53 18.23 3.10
CA THR B 115 9.67 19.46 2.31
C THR B 115 11.15 19.81 2.32
N THR B 116 11.76 19.95 1.14
CA THR B 116 13.15 20.34 1.07
C THR B 116 13.27 21.85 1.02
N LEU B 117 14.07 22.38 1.94
CA LEU B 117 14.40 23.79 1.99
C LEU B 117 15.83 23.95 1.54
N THR B 118 16.05 24.83 0.54
CA THR B 118 17.39 25.24 0.14
C THR B 118 17.54 26.72 0.48
N VAL B 119 18.53 27.05 1.29
CA VAL B 119 18.82 28.44 1.66
C VAL B 119 20.11 28.79 0.95
N SER B 120 20.01 29.66 -0.05
CA SER B 120 21.18 29.95 -0.88
C SER B 120 20.95 31.23 -1.64
N SER B 121 22.06 31.93 -1.92
CA SER B 121 22.03 33.05 -2.85
C SER B 121 22.30 32.64 -4.28
N ALA B 122 22.64 31.37 -4.55
CA ALA B 122 22.97 30.97 -5.91
C ALA B 122 21.74 31.08 -6.81
N LYS B 123 21.96 31.31 -8.08
CA LYS B 123 20.83 31.64 -8.93
C LYS B 123 20.22 30.40 -9.56
N THR B 124 18.90 30.41 -9.65
CA THR B 124 18.17 29.33 -10.31
C THR B 124 18.62 29.23 -11.76
N THR B 125 18.91 28.00 -12.18
CA THR B 125 19.48 27.74 -13.51
C THR B 125 18.79 26.48 -14.04
N PRO B 126 18.24 26.51 -15.25
CA PRO B 126 17.62 25.30 -15.78
C PRO B 126 18.66 24.31 -16.27
N PRO B 127 18.31 23.03 -16.33
CA PRO B 127 19.27 22.03 -16.82
C PRO B 127 19.43 22.08 -18.32
N SER B 128 20.61 21.71 -18.77
CA SER B 128 20.81 21.29 -20.16
C SER B 128 20.62 19.79 -20.17
N VAL B 129 19.88 19.28 -21.14
CA VAL B 129 19.53 17.86 -21.22
C VAL B 129 20.16 17.27 -22.46
N TYR B 130 21.05 16.30 -22.26
CA TYR B 130 21.83 15.74 -23.36
C TYR B 130 21.52 14.27 -23.51
N PRO B 131 21.09 13.83 -24.67
CA PRO B 131 20.81 12.41 -24.90
C PRO B 131 22.11 11.67 -25.14
N LEU B 132 22.22 10.48 -24.57
CA LEU B 132 23.43 9.66 -24.67
C LEU B 132 23.14 8.37 -25.42
N ALA B 133 23.58 8.31 -26.66
CA ALA B 133 23.47 7.10 -27.47
C ALA B 133 24.85 6.45 -27.59
N PRO B 134 24.90 5.14 -27.83
CA PRO B 134 26.21 4.49 -28.00
C PRO B 134 26.95 5.12 -29.17
N GLY B 135 28.27 5.09 -29.09
CA GLY B 135 29.07 5.53 -30.22
C GLY B 135 28.85 4.69 -31.46
N SER B 136 28.42 3.44 -31.29
CA SER B 136 28.10 2.50 -32.37
C SER B 136 28.02 3.10 -33.77
N SER B 142 23.29 -7.87 -26.91
CA SER B 142 21.87 -8.15 -27.09
C SER B 142 20.98 -7.16 -26.32
N MET B 143 21.55 -6.49 -25.32
CA MET B 143 20.87 -5.42 -24.62
C MET B 143 21.62 -4.13 -24.94
N VAL B 144 20.92 -3.02 -25.00
CA VAL B 144 21.56 -1.74 -25.25
C VAL B 144 21.24 -0.81 -24.10
N THR B 145 22.26 -0.12 -23.62
CA THR B 145 22.09 0.90 -22.58
C THR B 145 22.17 2.28 -23.22
N LEU B 146 21.22 3.12 -22.86
CA LEU B 146 21.13 4.50 -23.29
C LEU B 146 21.17 5.38 -22.06
N GLY B 147 21.41 6.66 -22.27
CA GLY B 147 21.56 7.57 -21.16
C GLY B 147 21.00 8.94 -21.43
N CYS B 148 20.89 9.68 -20.32
CA CYS B 148 20.43 11.06 -20.35
C CYS B 148 21.25 11.81 -19.31
N LEU B 149 21.94 12.85 -19.74
CA LEU B 149 22.77 13.68 -18.87
C LEU B 149 22.02 14.98 -18.62
N VAL B 150 21.81 15.31 -17.34
CA VAL B 150 21.02 16.46 -16.93
C VAL B 150 22.00 17.37 -16.19
N LYS B 151 22.50 18.39 -16.86
CA LYS B 151 23.70 19.09 -16.45
C LYS B 151 23.44 20.54 -16.11
N GLY B 152 24.00 20.98 -15.00
CA GLY B 152 24.15 22.38 -14.71
C GLY B 152 22.90 23.08 -14.26
N TYR B 153 22.17 22.49 -13.33
CA TYR B 153 20.92 23.07 -12.83
C TYR B 153 21.02 23.44 -11.35
N PHE B 154 20.12 24.32 -10.93
CA PHE B 154 20.02 24.68 -9.52
C PHE B 154 18.65 25.32 -9.32
N PRO B 155 17.96 25.06 -8.21
CA PRO B 155 18.27 24.11 -7.15
C PRO B 155 17.81 22.72 -7.53
N GLU B 156 18.04 21.77 -6.63
CA GLU B 156 17.38 20.49 -6.77
C GLU B 156 15.90 20.67 -6.47
N PRO B 157 15.05 19.75 -6.92
CA PRO B 157 15.37 18.56 -7.70
C PRO B 157 14.99 18.69 -9.17
N VAL B 158 15.36 17.67 -9.92
CA VAL B 158 14.78 17.38 -11.22
C VAL B 158 14.06 16.06 -11.11
N THR B 159 13.14 15.83 -12.04
CA THR B 159 12.50 14.55 -12.23
C THR B 159 12.86 14.05 -13.62
N VAL B 160 13.37 12.82 -13.69
CA VAL B 160 13.74 12.20 -14.95
C VAL B 160 12.90 10.95 -15.12
N THR B 161 12.27 10.81 -16.28
CA THR B 161 11.56 9.61 -16.65
C THR B 161 11.98 9.19 -18.06
N TRP B 162 11.64 7.96 -18.39
CA TRP B 162 11.85 7.40 -19.72
C TRP B 162 10.52 7.02 -20.33
N ASN B 163 10.30 7.45 -21.57
CA ASN B 163 9.05 7.21 -22.30
C ASN B 163 7.85 7.59 -21.44
N SER B 164 7.96 8.77 -20.81
CA SER B 164 6.90 9.34 -19.98
C SER B 164 6.58 8.45 -18.78
N GLY B 165 7.55 7.65 -18.34
CA GLY B 165 7.39 6.81 -17.17
C GLY B 165 6.97 5.39 -17.44
N SER B 166 6.58 5.07 -18.68
CA SER B 166 6.17 3.71 -19.00
C SER B 166 7.36 2.78 -19.12
N LEU B 167 8.54 3.31 -19.36
CA LEU B 167 9.78 2.54 -19.36
C LEU B 167 10.40 2.74 -17.99
N SER B 168 10.15 1.79 -17.09
CA SER B 168 10.54 1.91 -15.70
C SER B 168 11.51 0.84 -15.24
N SER B 169 11.49 -0.34 -15.84
CA SER B 169 12.46 -1.37 -15.51
C SER B 169 13.75 -1.13 -16.27
N GLY B 170 14.85 -1.55 -15.67
CA GLY B 170 16.16 -1.38 -16.26
C GLY B 170 16.70 0.02 -16.18
N VAL B 171 16.12 0.86 -15.32
CA VAL B 171 16.53 2.26 -15.18
C VAL B 171 17.41 2.40 -13.95
N HIS B 172 18.45 3.22 -14.07
CA HIS B 172 19.19 3.72 -12.91
C HIS B 172 19.30 5.23 -13.02
N THR B 173 18.79 5.93 -12.03
CA THR B 173 18.95 7.38 -11.97
C THR B 173 19.83 7.70 -10.77
N PHE B 174 20.93 8.35 -11.05
CA PHE B 174 22.02 8.49 -10.08
C PHE B 174 21.88 9.79 -9.29
N PRO B 175 22.35 9.79 -8.04
CA PRO B 175 22.29 11.01 -7.24
C PRO B 175 23.02 12.15 -7.94
N ALA B 176 22.47 13.35 -7.82
CA ALA B 176 23.13 14.50 -8.38
C ALA B 176 24.43 14.81 -7.64
N VAL B 177 25.37 15.40 -8.36
CA VAL B 177 26.62 15.90 -7.78
C VAL B 177 26.63 17.41 -7.91
N LEU B 178 27.10 18.07 -6.86
CA LEU B 178 27.15 19.52 -6.78
C LEU B 178 28.57 19.99 -7.04
N GLN B 179 28.72 20.95 -7.94
CA GLN B 179 30.01 21.59 -8.18
C GLN B 179 29.75 23.02 -8.62
N SER B 180 30.43 23.97 -7.98
CA SER B 180 30.33 25.37 -8.37
C SER B 180 28.89 25.84 -8.45
N ASP B 181 28.11 25.46 -7.42
CA ASP B 181 26.74 25.89 -7.27
C ASP B 181 25.80 25.34 -8.33
N LEU B 182 26.21 24.30 -9.08
CA LEU B 182 25.35 23.67 -10.05
C LEU B 182 25.37 22.17 -9.86
N TYR B 183 24.22 21.55 -10.08
CA TYR B 183 24.06 20.11 -9.97
C TYR B 183 24.09 19.47 -11.36
N THR B 184 24.55 18.23 -11.38
CA THR B 184 24.51 17.38 -12.57
C THR B 184 24.12 15.99 -12.14
N LEU B 185 23.22 15.36 -12.90
CA LEU B 185 22.93 13.96 -12.69
C LEU B 185 22.77 13.27 -14.02
N SER B 186 22.74 11.95 -13.96
CA SER B 186 22.57 11.14 -15.15
C SER B 186 21.57 10.04 -14.84
N SER B 187 21.02 9.49 -15.91
CA SER B 187 20.13 8.34 -15.81
C SER B 187 20.46 7.40 -16.96
N SER B 188 20.45 6.11 -16.67
CA SER B 188 20.67 5.09 -17.69
C SER B 188 19.41 4.25 -17.81
N VAL B 189 19.17 3.72 -19.00
CA VAL B 189 18.11 2.73 -19.20
C VAL B 189 18.67 1.64 -20.12
N THR B 190 18.35 0.41 -19.81
CA THR B 190 18.82 -0.75 -20.56
C THR B 190 17.61 -1.47 -21.14
N VAL B 191 17.62 -1.66 -22.46
CA VAL B 191 16.50 -2.25 -23.17
C VAL B 191 17.03 -3.32 -24.12
N PRO B 192 16.17 -4.24 -24.55
CA PRO B 192 16.61 -5.20 -25.57
C PRO B 192 16.96 -4.47 -26.85
N SER B 193 17.97 -5.00 -27.55
CA SER B 193 18.36 -4.41 -28.83
C SER B 193 17.23 -4.46 -29.85
N SER B 194 16.27 -5.38 -29.69
CA SER B 194 15.14 -5.43 -30.59
C SER B 194 14.20 -4.25 -30.39
N THR B 195 14.40 -3.44 -29.36
CA THR B 195 13.49 -2.33 -29.09
C THR B 195 14.10 -0.96 -29.36
N TRP B 196 15.41 -0.86 -29.60
CA TRP B 196 16.00 0.44 -29.97
C TRP B 196 17.16 0.19 -30.93
N PRO B 197 17.27 0.93 -32.05
CA PRO B 197 16.46 2.10 -32.40
C PRO B 197 15.25 1.81 -33.26
N SER B 198 14.87 0.54 -33.41
CA SER B 198 13.68 0.24 -34.19
C SER B 198 12.43 0.81 -33.52
N GLU B 199 12.46 0.99 -32.20
CA GLU B 199 11.44 1.70 -31.44
C GLU B 199 12.10 2.86 -30.72
N THR B 200 11.26 3.80 -30.27
CA THR B 200 11.75 5.07 -29.77
C THR B 200 11.93 5.03 -28.26
N VAL B 201 13.05 5.60 -27.80
CA VAL B 201 13.30 5.85 -26.38
C VAL B 201 13.53 7.35 -26.20
N THR B 202 12.85 7.93 -25.21
CA THR B 202 12.88 9.36 -24.93
C THR B 202 13.14 9.60 -23.46
N CYS B 203 14.07 10.52 -23.17
CA CYS B 203 14.31 11.07 -21.83
C CYS B 203 13.38 12.26 -21.60
N ASN B 204 12.67 12.27 -20.46
CA ASN B 204 11.82 13.40 -20.08
C ASN B 204 12.36 13.99 -18.79
N VAL B 205 12.61 15.29 -18.79
CA VAL B 205 13.18 15.96 -17.64
C VAL B 205 12.28 17.13 -17.24
N ALA B 206 11.96 17.21 -15.96
CA ALA B 206 11.28 18.38 -15.42
C ALA B 206 12.14 19.02 -14.36
N HIS B 207 12.22 20.35 -14.41
CA HIS B 207 12.90 21.14 -13.38
C HIS B 207 11.91 22.16 -12.86
N PRO B 208 11.14 21.83 -11.83
CA PRO B 208 10.06 22.73 -11.40
C PRO B 208 10.53 24.10 -11.00
N ALA B 209 11.72 24.23 -10.41
CA ALA B 209 12.14 25.54 -9.91
C ALA B 209 12.33 26.55 -11.03
N SER B 210 12.67 26.10 -12.24
CA SER B 210 12.79 26.99 -13.38
C SER B 210 11.61 26.85 -14.33
N SER B 211 10.56 26.13 -13.92
CA SER B 211 9.37 25.93 -14.74
C SER B 211 9.72 25.45 -16.15
N THR B 212 10.57 24.41 -16.20
CA THR B 212 11.09 23.84 -17.44
C THR B 212 10.71 22.38 -17.54
N LYS B 213 10.29 21.98 -18.76
CA LYS B 213 10.16 20.58 -19.12
C LYS B 213 10.82 20.35 -20.47
N VAL B 214 11.59 19.29 -20.60
CA VAL B 214 12.32 18.97 -21.83
C VAL B 214 12.10 17.50 -22.13
N ASP B 215 11.84 17.20 -23.39
CA ASP B 215 11.85 15.83 -23.89
C ASP B 215 12.91 15.73 -24.97
N LYS B 216 13.77 14.71 -24.88
CA LYS B 216 14.82 14.47 -25.84
C LYS B 216 14.76 13.00 -26.25
N LYS B 217 14.50 12.73 -27.53
CA LYS B 217 14.64 11.36 -27.99
C LYS B 217 16.11 10.99 -28.03
N ILE B 218 16.39 9.73 -27.75
CA ILE B 218 17.74 9.18 -27.88
C ILE B 218 17.88 8.68 -29.31
N VAL B 219 18.66 9.36 -30.12
CA VAL B 219 18.72 9.15 -31.56
C VAL B 219 19.98 8.37 -31.86
N PRO B 220 19.91 7.31 -32.67
CA PRO B 220 21.12 6.54 -32.97
C PRO B 220 22.13 7.39 -33.72
N ARG B 221 23.40 7.07 -33.51
CA ARG B 221 24.48 7.84 -34.12
C ARG B 221 25.01 7.06 -35.32
N ASP C 1 -15.25 -3.64 29.02
CA ASP C 1 -16.11 -4.42 28.09
C ASP C 1 -15.79 -5.89 28.28
N ILE C 2 -16.76 -6.75 27.95
CA ILE C 2 -16.49 -8.18 28.01
C ILE C 2 -15.82 -8.51 26.69
N VAL C 3 -14.58 -8.98 26.76
CA VAL C 3 -13.82 -9.32 25.57
C VAL C 3 -14.02 -10.79 25.27
N LEU C 4 -14.30 -11.09 24.01
CA LEU C 4 -14.49 -12.45 23.53
C LEU C 4 -13.31 -12.83 22.64
N THR C 5 -12.60 -13.89 23.01
CA THR C 5 -11.44 -14.37 22.26
C THR C 5 -11.78 -15.73 21.66
N GLN C 6 -11.72 -15.82 20.34
CA GLN C 6 -12.02 -17.06 19.64
C GLN C 6 -10.75 -17.81 19.33
N SER C 7 -10.85 -19.13 19.31
CA SER C 7 -9.72 -19.96 18.92
C SER C 7 -10.26 -21.12 18.12
N PRO C 8 -9.61 -21.49 16.99
CA PRO C 8 -8.48 -20.82 16.37
C PRO C 8 -8.94 -19.66 15.51
N ALA C 9 -8.02 -18.84 15.01
CA ALA C 9 -8.42 -17.78 14.10
C ALA C 9 -8.84 -18.34 12.75
N SER C 10 -8.24 -19.46 12.34
CA SER C 10 -8.60 -20.10 11.09
C SER C 10 -8.47 -21.61 11.27
N LEU C 11 -9.34 -22.32 10.56
CA LEU C 11 -9.44 -23.77 10.68
C LEU C 11 -9.87 -24.32 9.33
N ALA C 12 -9.29 -25.45 8.94
CA ALA C 12 -9.71 -26.16 7.74
C ALA C 12 -10.08 -27.58 8.14
N VAL C 13 -11.25 -28.04 7.68
CA VAL C 13 -11.85 -29.29 8.11
C VAL C 13 -12.32 -30.04 6.89
N SER C 14 -12.14 -31.36 6.91
CA SER C 14 -12.54 -32.18 5.77
C SER C 14 -14.04 -32.42 5.79
N LEU C 15 -14.60 -32.64 4.61
CA LEU C 15 -16.01 -32.95 4.49
C LEU C 15 -16.37 -34.14 5.36
N GLY C 16 -17.46 -34.02 6.11
CA GLY C 16 -17.93 -35.06 6.99
C GLY C 16 -17.30 -35.09 8.37
N GLN C 17 -16.23 -34.35 8.61
CA GLN C 17 -15.56 -34.36 9.90
C GLN C 17 -16.19 -33.32 10.83
N ARG C 18 -15.62 -33.16 12.02
CA ARG C 18 -16.17 -32.27 13.03
C ARG C 18 -15.29 -31.03 13.15
N ALA C 19 -15.93 -29.86 13.19
CA ALA C 19 -15.25 -28.61 13.44
C ALA C 19 -15.64 -28.14 14.84
N THR C 20 -14.65 -27.67 15.60
CA THR C 20 -14.88 -27.10 16.92
C THR C 20 -14.25 -25.73 16.95
N ILE C 21 -15.05 -24.72 17.32
CA ILE C 21 -14.59 -23.35 17.45
C ILE C 21 -14.87 -22.94 18.88
N SER C 22 -13.89 -22.32 19.53
CA SER C 22 -14.00 -21.96 20.94
C SER C 22 -14.09 -20.46 21.10
N CYS C 23 -14.77 -20.05 22.16
CA CYS C 23 -14.91 -18.64 22.51
C CYS C 23 -14.76 -18.54 24.02
N ARG C 24 -13.85 -17.68 24.46
CA ARG C 24 -13.61 -17.44 25.87
C ARG C 24 -13.88 -15.97 26.17
N ALA C 25 -14.65 -15.74 27.22
CA ALA C 25 -15.03 -14.39 27.62
C ALA C 25 -14.18 -13.96 28.81
N SER C 26 -13.88 -12.67 28.86
CA SER C 26 -13.06 -12.13 29.94
C SER C 26 -13.78 -12.14 31.29
N GLU C 27 -15.10 -12.25 31.29
CA GLU C 27 -15.88 -12.42 32.50
C GLU C 27 -17.15 -13.16 32.12
N SER C 28 -17.85 -13.66 33.13
CA SER C 28 -19.01 -14.51 32.87
C SER C 28 -20.05 -13.80 32.02
N VAL C 29 -20.65 -14.56 31.10
CA VAL C 29 -21.74 -14.06 30.27
C VAL C 29 -23.06 -14.75 30.62
N ASP C 30 -23.13 -15.35 31.81
CA ASP C 30 -24.33 -16.00 32.30
C ASP C 30 -24.83 -15.29 33.56
N ASN C 31 -26.13 -15.41 33.81
CA ASN C 31 -26.72 -15.03 35.09
C ASN C 31 -28.02 -15.80 35.25
N TYR C 32 -28.31 -16.17 36.51
CA TYR C 32 -29.53 -16.91 36.83
C TYR C 32 -29.62 -18.22 36.04
N GLY C 33 -28.49 -18.80 35.66
CA GLY C 33 -28.48 -19.99 34.84
C GLY C 33 -28.79 -19.78 33.37
N ILE C 34 -28.98 -18.54 32.94
CA ILE C 34 -29.23 -18.18 31.55
C ILE C 34 -27.90 -17.76 30.95
N SER C 35 -27.63 -18.20 29.72
CA SER C 35 -26.44 -17.77 29.02
C SER C 35 -26.82 -16.70 27.99
N PHE C 36 -26.00 -15.66 27.91
CA PHE C 36 -26.17 -14.62 26.91
C PHE C 36 -25.11 -14.73 25.81
N MET C 37 -24.62 -15.93 25.58
CA MET C 37 -23.66 -16.26 24.53
C MET C 37 -24.41 -16.78 23.31
N ASN C 38 -24.14 -16.20 22.15
CA ASN C 38 -24.78 -16.56 20.90
C ASN C 38 -23.73 -16.72 19.81
N TRP C 39 -24.04 -17.53 18.81
CA TRP C 39 -23.13 -17.83 17.72
C TRP C 39 -23.75 -17.51 16.37
N PHE C 40 -22.94 -16.93 15.47
CA PHE C 40 -23.36 -16.47 14.15
C PHE C 40 -22.41 -16.98 13.08
N GLN C 41 -22.97 -17.17 11.90
CA GLN C 41 -22.24 -17.48 10.67
C GLN C 41 -22.35 -16.29 9.74
N GLN C 42 -21.26 -15.97 9.05
CA GLN C 42 -21.31 -14.86 8.10
C GLN C 42 -20.62 -15.26 6.81
N LYS C 43 -21.34 -15.19 5.73
CA LYS C 43 -20.83 -15.45 4.40
C LYS C 43 -20.64 -14.13 3.66
N PRO C 44 -19.81 -14.14 2.62
CA PRO C 44 -19.43 -12.88 1.98
C PRO C 44 -20.63 -12.08 1.47
N GLY C 45 -20.63 -10.79 1.77
CA GLY C 45 -21.65 -9.89 1.29
C GLY C 45 -22.97 -9.97 2.02
N GLN C 46 -23.06 -10.79 3.07
CA GLN C 46 -24.30 -10.99 3.79
C GLN C 46 -24.16 -10.52 5.23
N PRO C 47 -25.28 -10.21 5.90
CA PRO C 47 -25.22 -10.02 7.35
C PRO C 47 -24.99 -11.36 8.04
N PRO C 48 -24.56 -11.32 9.29
CA PRO C 48 -24.49 -12.56 10.07
C PRO C 48 -25.84 -13.25 10.16
N LYS C 49 -25.78 -14.56 10.39
CA LYS C 49 -26.95 -15.41 10.53
C LYS C 49 -26.83 -16.18 11.85
N LEU C 50 -27.90 -16.16 12.64
CA LEU C 50 -27.91 -16.87 13.91
C LEU C 50 -27.80 -18.37 13.72
N LEU C 51 -26.92 -19.00 14.48
CA LEU C 51 -26.83 -20.44 14.58
C LEU C 51 -27.34 -20.96 15.92
N ILE C 52 -26.80 -20.45 17.01
CA ILE C 52 -27.03 -20.96 18.37
C ILE C 52 -27.27 -19.78 19.29
N TYR C 53 -28.33 -19.84 20.07
CA TYR C 53 -28.59 -18.80 21.06
C TYR C 53 -28.57 -19.36 22.47
N ALA C 54 -28.24 -18.50 23.41
CA ALA C 54 -28.16 -18.85 24.83
C ALA C 54 -27.34 -20.13 25.01
N ALA C 55 -26.16 -20.13 24.39
CA ALA C 55 -25.12 -21.12 24.49
C ALA C 55 -25.38 -22.42 23.73
N SER C 56 -26.62 -22.92 23.75
CA SER C 56 -26.84 -24.29 23.30
C SER C 56 -28.12 -24.52 22.52
N ASN C 57 -28.88 -23.48 22.19
CA ASN C 57 -30.17 -23.67 21.53
C ASN C 57 -30.05 -23.38 20.04
N GLN C 58 -30.53 -24.30 19.22
CA GLN C 58 -30.53 -24.08 17.79
C GLN C 58 -31.52 -22.97 17.44
N GLY C 59 -31.08 -22.03 16.62
CA GLY C 59 -32.00 -21.04 16.08
C GLY C 59 -33.05 -21.68 15.19
N SER C 60 -34.13 -20.94 14.95
CA SER C 60 -35.17 -21.43 14.05
C SER C 60 -34.58 -21.78 12.70
N GLY C 61 -34.87 -22.98 12.22
CA GLY C 61 -34.42 -23.43 10.93
C GLY C 61 -32.96 -23.86 10.87
N VAL C 62 -32.24 -23.81 11.97
CA VAL C 62 -30.82 -24.17 11.93
C VAL C 62 -30.67 -25.68 11.98
N PRO C 63 -29.89 -26.29 11.10
CA PRO C 63 -29.77 -27.75 11.10
C PRO C 63 -29.13 -28.30 12.37
N ALA C 64 -29.43 -29.59 12.62
CA ALA C 64 -28.92 -30.26 13.81
C ALA C 64 -27.41 -30.45 13.78
N ARG C 65 -26.78 -30.29 12.63
CA ARG C 65 -25.32 -30.43 12.60
C ARG C 65 -24.60 -29.33 13.37
N PHE C 66 -25.30 -28.25 13.72
CA PHE C 66 -24.74 -27.17 14.54
C PHE C 66 -25.17 -27.37 15.99
N SER C 67 -24.21 -27.32 16.90
CA SER C 67 -24.51 -27.41 18.32
C SER C 67 -23.57 -26.50 19.09
N GLY C 68 -23.98 -26.17 20.30
CA GLY C 68 -23.19 -25.31 21.17
C GLY C 68 -23.17 -25.85 22.58
N SER C 69 -22.05 -25.59 23.26
CA SER C 69 -21.84 -26.03 24.63
C SER C 69 -21.21 -24.87 25.39
N GLY C 70 -21.31 -24.94 26.71
CA GLY C 70 -20.52 -24.09 27.58
C GLY C 70 -21.34 -23.32 28.58
N SER C 71 -20.62 -22.65 29.47
CA SER C 71 -21.20 -21.83 30.52
C SER C 71 -20.10 -20.94 31.07
N GLY C 72 -20.52 -19.92 31.82
CA GLY C 72 -19.57 -19.02 32.44
C GLY C 72 -18.77 -18.21 31.45
N THR C 73 -17.49 -18.55 31.30
CA THR C 73 -16.60 -17.87 30.39
C THR C 73 -16.17 -18.74 29.22
N ASP C 74 -16.55 -20.02 29.17
CA ASP C 74 -15.98 -20.95 28.18
C ASP C 74 -17.08 -21.57 27.33
N PHE C 75 -17.01 -21.35 26.01
CA PHE C 75 -18.04 -21.81 25.11
C PHE C 75 -17.43 -22.38 23.84
N SER C 76 -18.21 -23.22 23.17
CA SER C 76 -17.74 -23.78 21.92
C SER C 76 -18.90 -24.07 20.99
N LEU C 77 -18.61 -23.95 19.70
CA LEU C 77 -19.52 -24.26 18.62
C LEU C 77 -18.98 -25.47 17.90
N ASN C 78 -19.86 -26.42 17.62
CA ASN C 78 -19.47 -27.64 16.92
C ASN C 78 -20.31 -27.77 15.66
N ILE C 79 -19.65 -28.22 14.59
CA ILE C 79 -20.33 -28.51 13.33
C ILE C 79 -19.98 -29.94 12.96
N HIS C 80 -20.99 -30.78 12.83
CA HIS C 80 -20.76 -32.15 12.44
C HIS C 80 -22.02 -32.79 11.86
N PRO C 81 -21.98 -33.32 10.64
CA PRO C 81 -20.83 -33.35 9.71
C PRO C 81 -20.61 -32.02 8.96
N MET C 82 -19.34 -31.69 8.78
CA MET C 82 -18.97 -30.50 8.01
C MET C 82 -19.45 -30.68 6.57
N GLU C 83 -19.98 -29.60 5.99
CA GLU C 83 -20.48 -29.63 4.62
C GLU C 83 -19.84 -28.50 3.83
N GLU C 84 -19.89 -28.64 2.49
CA GLU C 84 -19.19 -27.70 1.62
C GLU C 84 -19.63 -26.27 1.87
N ASP C 85 -20.92 -26.06 2.07
CA ASP C 85 -21.43 -24.70 2.24
C ASP C 85 -21.23 -24.16 3.65
N ASP C 86 -20.51 -24.87 4.50
CA ASP C 86 -20.19 -24.35 5.83
C ASP C 86 -18.92 -23.51 5.83
N THR C 87 -18.26 -23.35 4.68
CA THR C 87 -17.11 -22.45 4.61
C THR C 87 -17.62 -21.02 4.82
N ALA C 88 -17.09 -20.35 5.84
CA ALA C 88 -17.68 -19.09 6.27
C ALA C 88 -16.86 -18.54 7.42
N MET C 89 -17.20 -17.31 7.82
CA MET C 89 -16.73 -16.77 9.08
C MET C 89 -17.71 -17.11 10.17
N TYR C 90 -17.19 -17.39 11.38
CA TYR C 90 -18.03 -17.69 12.53
C TYR C 90 -17.66 -16.76 13.68
N PHE C 91 -18.70 -16.22 14.33
CA PHE C 91 -18.52 -15.26 15.42
C PHE C 91 -19.29 -15.68 16.66
N CYS C 92 -18.65 -15.60 17.82
CA CYS C 92 -19.39 -15.60 19.07
C CYS C 92 -19.75 -14.17 19.44
N GLN C 93 -20.67 -14.04 20.37
CA GLN C 93 -21.29 -12.75 20.65
C GLN C 93 -21.91 -12.81 22.03
N GLN C 94 -21.80 -11.73 22.80
CA GLN C 94 -22.44 -11.71 24.12
C GLN C 94 -23.37 -10.52 24.28
N SER C 95 -24.55 -10.79 24.85
CA SER C 95 -25.54 -9.79 25.15
C SER C 95 -25.79 -9.69 26.64
N LYS C 96 -24.81 -10.07 27.46
CA LYS C 96 -25.02 -9.99 28.89
C LYS C 96 -24.88 -8.56 29.39
N GLU C 97 -23.88 -7.83 28.91
CA GLU C 97 -23.53 -6.52 29.43
C GLU C 97 -23.32 -5.55 28.28
N VAL C 98 -23.95 -4.39 28.39
CA VAL C 98 -23.66 -3.28 27.49
C VAL C 98 -22.23 -2.79 27.75
N PRO C 99 -21.41 -2.59 26.71
CA PRO C 99 -21.72 -2.75 25.28
C PRO C 99 -21.68 -4.20 24.87
N TRP C 100 -22.67 -4.63 24.09
CA TRP C 100 -22.62 -5.98 23.53
C TRP C 100 -21.38 -6.09 22.65
N THR C 101 -20.76 -7.27 22.65
CA THR C 101 -19.50 -7.46 21.95
C THR C 101 -19.51 -8.75 21.14
N PHE C 102 -18.61 -8.81 20.18
CA PHE C 102 -18.39 -9.97 19.34
C PHE C 102 -16.97 -10.48 19.50
N GLY C 103 -16.79 -11.78 19.30
CA GLY C 103 -15.47 -12.34 19.11
C GLY C 103 -14.84 -11.84 17.81
N GLY C 104 -13.54 -12.12 17.66
CA GLY C 104 -12.84 -11.62 16.48
C GLY C 104 -13.09 -12.39 15.22
N GLY C 105 -13.77 -13.51 15.32
CA GLY C 105 -14.10 -14.30 14.16
C GLY C 105 -13.14 -15.45 13.94
N THR C 106 -13.66 -16.54 13.39
CA THR C 106 -12.87 -17.70 12.99
C THR C 106 -13.24 -18.00 11.56
N LYS C 107 -12.23 -18.12 10.70
CA LYS C 107 -12.45 -18.48 9.31
C LYS C 107 -12.41 -20.01 9.21
N LEU C 108 -13.53 -20.61 8.88
CA LEU C 108 -13.64 -22.05 8.74
C LEU C 108 -13.71 -22.37 7.26
N GLU C 109 -12.75 -23.14 6.78
CA GLU C 109 -12.68 -23.52 5.37
C GLU C 109 -12.70 -25.03 5.27
N ILE C 110 -12.99 -25.50 4.06
CA ILE C 110 -13.07 -26.93 3.79
C ILE C 110 -11.71 -27.39 3.27
N LYS C 111 -11.27 -28.56 3.75
CA LYS C 111 -10.13 -29.25 3.14
C LYS C 111 -10.65 -30.15 2.04
N ARG C 112 -9.91 -30.23 0.95
CA ARG C 112 -10.24 -31.13 -0.14
C ARG C 112 -8.95 -31.55 -0.83
N ALA C 113 -9.09 -32.35 -1.89
CA ALA C 113 -7.93 -32.76 -2.65
C ALA C 113 -7.39 -31.63 -3.50
N ASP C 114 -6.09 -31.68 -3.75
CA ASP C 114 -5.43 -30.62 -4.52
C ASP C 114 -5.96 -30.58 -5.96
N ALA C 115 -5.99 -29.37 -6.50
CA ALA C 115 -6.44 -29.14 -7.87
C ALA C 115 -5.57 -28.05 -8.48
N ALA C 116 -5.08 -28.32 -9.67
CA ALA C 116 -4.28 -27.35 -10.39
C ALA C 116 -5.17 -26.25 -10.98
N PRO C 117 -4.67 -25.03 -11.08
CA PRO C 117 -5.50 -23.97 -11.67
C PRO C 117 -5.70 -24.15 -13.16
N THR C 118 -6.85 -23.68 -13.62
CA THR C 118 -7.12 -23.49 -15.06
C THR C 118 -6.72 -22.05 -15.37
N VAL C 119 -5.71 -21.86 -16.19
CA VAL C 119 -5.09 -20.57 -16.42
C VAL C 119 -5.51 -20.08 -17.81
N SER C 120 -5.93 -18.81 -17.88
CA SER C 120 -6.30 -18.17 -19.14
C SER C 120 -5.71 -16.78 -19.16
N ILE C 121 -5.13 -16.39 -20.28
CA ILE C 121 -4.51 -15.08 -20.47
C ILE C 121 -5.22 -14.36 -21.60
N PHE C 122 -5.38 -13.03 -21.43
CA PHE C 122 -6.13 -12.20 -22.37
C PHE C 122 -5.33 -10.97 -22.77
N PRO C 123 -5.15 -10.73 -24.06
CA PRO C 123 -4.57 -9.45 -24.49
C PRO C 123 -5.50 -8.30 -24.16
N PRO C 124 -4.98 -7.07 -24.15
CA PRO C 124 -5.86 -5.91 -23.99
C PRO C 124 -6.95 -5.89 -25.05
N SER C 125 -8.12 -5.40 -24.65
CA SER C 125 -9.20 -5.19 -25.60
C SER C 125 -8.82 -4.06 -26.55
N SER C 126 -9.30 -4.16 -27.78
CA SER C 126 -9.10 -3.07 -28.72
C SER C 126 -9.69 -1.78 -28.18
N GLU C 127 -10.78 -1.88 -27.42
CA GLU C 127 -11.43 -0.70 -26.86
C GLU C 127 -10.49 0.04 -25.91
N GLN C 128 -9.80 -0.71 -25.04
CA GLN C 128 -8.90 -0.05 -24.10
C GLN C 128 -7.74 0.59 -24.84
N LEU C 129 -7.24 -0.06 -25.88
CA LEU C 129 -6.13 0.51 -26.63
C LEU C 129 -6.53 1.85 -27.25
N THR C 130 -7.78 2.00 -27.69
CA THR C 130 -8.19 3.28 -28.28
C THR C 130 -8.18 4.43 -27.27
N SER C 131 -8.17 4.12 -25.96
CA SER C 131 -8.10 5.15 -24.93
C SER C 131 -6.69 5.31 -24.37
N GLY C 132 -5.73 4.54 -24.89
CA GLY C 132 -4.33 4.75 -24.55
C GLY C 132 -3.78 3.85 -23.47
N GLY C 133 -4.57 2.90 -22.97
CA GLY C 133 -4.13 1.99 -21.93
C GLY C 133 -4.10 0.56 -22.45
N ALA C 134 -3.49 -0.32 -21.66
CA ALA C 134 -3.35 -1.71 -22.08
C ALA C 134 -3.22 -2.61 -20.84
N SER C 135 -4.32 -3.26 -20.48
CA SER C 135 -4.32 -4.18 -19.36
C SER C 135 -4.31 -5.60 -19.89
N VAL C 136 -3.37 -6.41 -19.41
CA VAL C 136 -3.29 -7.82 -19.72
C VAL C 136 -3.82 -8.57 -18.51
N VAL C 137 -4.77 -9.48 -18.73
CA VAL C 137 -5.47 -10.15 -17.64
C VAL C 137 -5.17 -11.62 -17.67
N CYS C 138 -4.92 -12.19 -16.48
CA CYS C 138 -4.71 -13.62 -16.32
C CYS C 138 -5.64 -14.11 -15.23
N PHE C 139 -6.45 -15.13 -15.55
CA PHE C 139 -7.28 -15.80 -14.54
C PHE C 139 -6.65 -17.14 -14.22
N LEU C 140 -6.62 -17.46 -12.94
CA LEU C 140 -6.12 -18.74 -12.44
C LEU C 140 -7.26 -19.33 -11.62
N ASN C 141 -8.02 -20.24 -12.20
CA ASN C 141 -9.32 -20.58 -11.65
C ASN C 141 -9.42 -22.01 -11.12
N ASN C 142 -10.16 -22.14 -10.02
CA ASN C 142 -10.60 -23.42 -9.47
C ASN C 142 -9.42 -24.31 -9.06
N PHE C 143 -8.59 -23.78 -8.18
CA PHE C 143 -7.42 -24.49 -7.67
C PHE C 143 -7.53 -24.72 -6.17
N TYR C 144 -6.71 -25.64 -5.68
CA TYR C 144 -6.64 -25.92 -4.25
C TYR C 144 -5.28 -26.52 -3.98
N PRO C 145 -4.57 -26.11 -2.92
CA PRO C 145 -4.93 -25.17 -1.88
C PRO C 145 -4.81 -23.72 -2.31
N LYS C 146 -5.10 -22.80 -1.39
CA LYS C 146 -5.23 -21.39 -1.76
C LYS C 146 -3.91 -20.72 -2.11
N ASP C 147 -2.78 -21.22 -1.62
CA ASP C 147 -1.51 -20.55 -1.81
C ASP C 147 -1.02 -20.71 -3.23
N ILE C 148 -0.80 -19.59 -3.91
CA ILE C 148 -0.37 -19.60 -5.30
C ILE C 148 0.49 -18.39 -5.56
N ASN C 149 1.43 -18.52 -6.48
CA ASN C 149 2.29 -17.42 -6.89
C ASN C 149 2.15 -17.20 -8.38
N VAL C 150 1.95 -15.95 -8.79
CA VAL C 150 1.85 -15.57 -10.18
C VAL C 150 3.02 -14.67 -10.54
N LYS C 151 3.67 -14.97 -11.66
CA LYS C 151 4.72 -14.13 -12.19
C LYS C 151 4.38 -13.74 -13.63
N TRP C 152 4.61 -12.47 -13.95
CA TRP C 152 4.46 -11.95 -15.30
C TRP C 152 5.82 -11.81 -15.97
N LYS C 153 5.86 -12.11 -17.27
CA LYS C 153 7.04 -11.88 -18.08
C LYS C 153 6.65 -11.19 -19.38
N ILE C 154 7.50 -10.27 -19.82
CA ILE C 154 7.34 -9.59 -21.10
C ILE C 154 8.61 -9.88 -21.88
N ASP C 155 8.48 -10.56 -23.02
CA ASP C 155 9.64 -10.94 -23.82
C ASP C 155 10.68 -11.63 -22.94
N GLY C 156 10.20 -12.46 -22.04
CA GLY C 156 11.06 -13.29 -21.22
C GLY C 156 11.56 -12.65 -19.95
N SER C 157 11.31 -11.36 -19.75
CA SER C 157 11.82 -10.65 -18.58
C SER C 157 10.70 -10.43 -17.58
N GLU C 158 10.97 -10.75 -16.33
CA GLU C 158 9.96 -10.58 -15.28
C GLU C 158 9.55 -9.12 -15.17
N ARG C 159 8.27 -8.91 -14.88
CA ARG C 159 7.69 -7.59 -14.72
C ARG C 159 6.90 -7.59 -13.42
N GLN C 160 7.21 -6.67 -12.52
CA GLN C 160 6.52 -6.59 -11.24
C GLN C 160 5.70 -5.31 -11.08
N ASN C 161 6.13 -4.21 -11.69
CA ASN C 161 5.36 -2.97 -11.62
C ASN C 161 4.11 -3.07 -12.48
N GLY C 162 3.03 -2.45 -12.01
CA GLY C 162 1.79 -2.41 -12.75
C GLY C 162 0.90 -3.60 -12.58
N VAL C 163 1.21 -4.49 -11.63
CA VAL C 163 0.46 -5.71 -11.41
C VAL C 163 -0.48 -5.51 -10.24
N LEU C 164 -1.72 -5.93 -10.41
CA LEU C 164 -2.71 -5.94 -9.33
C LEU C 164 -3.40 -7.29 -9.30
N ASN C 165 -3.52 -7.87 -8.10
CA ASN C 165 -4.05 -9.21 -7.91
C ASN C 165 -5.29 -9.17 -7.03
N SER C 166 -6.22 -10.10 -7.28
CA SER C 166 -7.43 -10.27 -6.49
C SER C 166 -7.72 -11.76 -6.34
N TRP C 167 -8.19 -12.17 -5.18
CA TRP C 167 -8.44 -13.58 -4.88
C TRP C 167 -9.87 -13.76 -4.42
N THR C 168 -10.53 -14.82 -4.87
CA THR C 168 -11.87 -15.12 -4.35
C THR C 168 -11.83 -15.86 -2.99
N ASP C 169 -12.96 -15.81 -2.30
CA ASP C 169 -13.16 -16.66 -1.14
C ASP C 169 -13.42 -18.09 -1.60
N GLN C 170 -13.26 -19.04 -0.68
CA GLN C 170 -13.45 -20.44 -1.03
C GLN C 170 -14.85 -20.67 -1.61
N ASP C 171 -14.89 -21.42 -2.72
CA ASP C 171 -16.16 -21.71 -3.37
C ASP C 171 -17.02 -22.59 -2.47
N SER C 172 -18.30 -22.24 -2.36
CA SER C 172 -19.21 -22.95 -1.46
C SER C 172 -19.66 -24.30 -2.02
N LYS C 173 -19.39 -24.60 -3.29
CA LYS C 173 -19.79 -25.85 -3.91
C LYS C 173 -18.63 -26.81 -4.15
N ASP C 174 -17.53 -26.35 -4.73
CA ASP C 174 -16.41 -27.25 -5.03
C ASP C 174 -15.19 -27.01 -4.18
N SER C 175 -15.24 -26.04 -3.25
CA SER C 175 -14.20 -25.83 -2.25
C SER C 175 -12.88 -25.37 -2.85
N THR C 176 -12.90 -24.85 -4.08
CA THR C 176 -11.69 -24.31 -4.68
C THR C 176 -11.58 -22.80 -4.48
N TYR C 177 -10.46 -22.26 -4.96
CA TYR C 177 -10.12 -20.87 -4.94
C TYR C 177 -9.81 -20.42 -6.37
N SER C 178 -9.96 -19.11 -6.62
CA SER C 178 -9.60 -18.53 -7.91
C SER C 178 -8.87 -17.22 -7.68
N MET C 179 -8.14 -16.78 -8.70
CA MET C 179 -7.37 -15.53 -8.62
C MET C 179 -7.35 -14.87 -9.98
N SER C 180 -7.31 -13.54 -9.96
CA SER C 180 -7.12 -12.73 -11.16
C SER C 180 -5.91 -11.84 -10.98
N SER C 181 -5.10 -11.71 -12.03
CA SER C 181 -3.93 -10.86 -12.01
C SER C 181 -3.95 -10.00 -13.26
N THR C 182 -3.76 -8.69 -13.09
CA THR C 182 -3.84 -7.74 -14.20
C THR C 182 -2.56 -6.93 -14.24
N LEU C 183 -1.90 -6.93 -15.40
CA LEU C 183 -0.72 -6.12 -15.66
C LEU C 183 -1.15 -4.96 -16.54
N THR C 184 -1.01 -3.72 -16.06
CA THR C 184 -1.43 -2.55 -16.83
C THR C 184 -0.23 -1.75 -17.31
N LEU C 185 -0.21 -1.48 -18.62
CA LEU C 185 0.80 -0.67 -19.28
C LEU C 185 0.08 0.43 -20.04
N THR C 186 0.84 1.40 -20.57
CA THR C 186 0.25 2.26 -21.60
C THR C 186 0.18 1.52 -22.93
N LYS C 187 -0.68 2.01 -23.82
CA LYS C 187 -0.72 1.44 -25.17
C LYS C 187 0.66 1.50 -25.82
N ASP C 188 1.32 2.66 -25.72
CA ASP C 188 2.60 2.82 -26.41
C ASP C 188 3.62 1.80 -25.92
N GLU C 189 3.68 1.53 -24.62
CA GLU C 189 4.67 0.58 -24.14
C GLU C 189 4.26 -0.85 -24.48
N TYR C 190 2.97 -1.16 -24.37
CA TYR C 190 2.48 -2.49 -24.75
C TYR C 190 2.85 -2.83 -26.19
N GLU C 191 2.74 -1.84 -27.09
CA GLU C 191 3.04 -2.07 -28.49
C GLU C 191 4.53 -2.23 -28.77
N ARG C 192 5.38 -2.06 -27.77
CA ARG C 192 6.82 -2.18 -27.94
C ARG C 192 7.33 -3.60 -27.70
N HIS C 193 6.47 -4.53 -27.30
CA HIS C 193 6.89 -5.90 -26.98
C HIS C 193 6.14 -6.96 -27.78
N ASN C 194 6.66 -8.18 -27.69
CA ASN C 194 6.19 -9.33 -28.47
C ASN C 194 5.39 -10.29 -27.60
N SER C 195 6.02 -10.99 -26.66
CA SER C 195 5.35 -12.03 -25.90
C SER C 195 4.99 -11.55 -24.49
N TYR C 196 3.81 -11.97 -24.03
CA TYR C 196 3.30 -11.70 -22.69
C TYR C 196 2.97 -13.04 -22.05
N THR C 197 3.49 -13.27 -20.85
CA THR C 197 3.39 -14.56 -20.19
C THR C 197 2.90 -14.42 -18.77
N CYS C 198 1.92 -15.26 -18.40
CA CYS C 198 1.44 -15.41 -17.02
C CYS C 198 1.85 -16.80 -16.56
N GLU C 199 2.63 -16.86 -15.47
CA GLU C 199 3.08 -18.14 -14.93
C GLU C 199 2.56 -18.32 -13.51
N ALA C 200 2.01 -19.51 -13.23
CA ALA C 200 1.53 -19.88 -11.92
C ALA C 200 2.47 -20.91 -11.32
N THR C 201 2.89 -20.68 -10.09
CA THR C 201 3.64 -21.64 -9.30
C THR C 201 2.72 -22.10 -8.19
N HIS C 202 2.42 -23.39 -8.18
CA HIS C 202 1.41 -23.94 -7.29
C HIS C 202 1.85 -25.34 -6.89
N LYS C 203 1.40 -25.77 -5.70
CA LYS C 203 1.84 -27.04 -5.14
C LYS C 203 1.56 -28.23 -6.05
N THR C 204 0.69 -28.07 -7.05
CA THR C 204 0.28 -29.20 -7.89
C THR C 204 1.28 -29.54 -8.98
N SER C 205 2.34 -28.78 -9.15
CA SER C 205 3.39 -29.20 -10.07
C SER C 205 4.72 -28.57 -9.68
N THR C 206 5.79 -29.34 -9.89
CA THR C 206 7.14 -28.82 -9.71
C THR C 206 7.44 -27.77 -10.77
N SER C 207 6.79 -27.87 -11.96
CA SER C 207 6.96 -26.95 -13.07
C SER C 207 5.77 -26.01 -13.14
N PRO C 208 5.97 -24.71 -13.32
CA PRO C 208 4.84 -23.79 -13.35
C PRO C 208 3.87 -24.15 -14.47
N ILE C 209 2.66 -23.63 -14.36
CA ILE C 209 1.73 -23.57 -15.48
C ILE C 209 1.94 -22.24 -16.17
N VAL C 210 2.12 -22.29 -17.48
CA VAL C 210 2.48 -21.12 -18.28
C VAL C 210 1.42 -20.95 -19.35
N LYS C 211 0.90 -19.73 -19.48
CA LYS C 211 0.07 -19.34 -20.60
C LYS C 211 0.64 -18.04 -21.14
N SER C 212 0.70 -17.93 -22.46
CA SER C 212 1.29 -16.77 -23.10
C SER C 212 0.50 -16.44 -24.36
N PHE C 213 0.71 -15.22 -24.83
CA PHE C 213 0.31 -14.84 -26.18
C PHE C 213 1.38 -13.93 -26.74
N ASN C 214 1.38 -13.76 -28.05
CA ASN C 214 2.20 -12.77 -28.72
C ASN C 214 1.31 -11.69 -29.30
N ARG C 215 1.75 -10.44 -29.16
CA ARG C 215 0.92 -9.29 -29.55
C ARG C 215 0.51 -9.37 -31.00
N ASN C 216 1.42 -9.83 -31.85
CA ASN C 216 1.07 -10.08 -33.26
C ASN C 216 -0.04 -9.19 -33.82
N GLN D 1 -43.13 -12.23 6.70
CA GLN D 1 -42.02 -12.57 7.64
C GLN D 1 -41.42 -11.32 8.28
N VAL D 2 -40.67 -11.54 9.36
CA VAL D 2 -39.87 -10.46 9.93
C VAL D 2 -38.81 -10.05 8.93
N GLN D 3 -38.76 -8.75 8.64
CA GLN D 3 -37.78 -8.22 7.69
C GLN D 3 -37.33 -6.84 8.15
N LEU D 4 -36.05 -6.57 7.98
CA LEU D 4 -35.46 -5.24 8.13
C LEU D 4 -34.84 -4.86 6.79
N GLN D 5 -35.20 -3.69 6.28
CA GLN D 5 -34.73 -3.20 4.99
C GLN D 5 -34.04 -1.86 5.20
N GLN D 6 -32.77 -1.79 4.82
CA GLN D 6 -31.97 -0.60 5.02
C GLN D 6 -31.89 0.27 3.78
N SER D 7 -31.56 1.53 4.01
CA SER D 7 -31.39 2.50 2.94
C SER D 7 -30.11 2.22 2.15
N GLY D 8 -29.96 2.94 1.03
CA GLY D 8 -28.91 2.61 0.09
C GLY D 8 -27.55 3.18 0.45
N ALA D 9 -26.55 2.74 -0.33
CA ALA D 9 -25.18 3.17 -0.11
C ALA D 9 -25.06 4.69 -0.23
N GLU D 10 -24.10 5.26 0.49
CA GLU D 10 -23.86 6.69 0.46
C GLU D 10 -22.36 6.98 0.38
N LEU D 11 -22.02 7.98 -0.42
CA LEU D 11 -20.69 8.58 -0.52
C LEU D 11 -20.81 10.01 0.01
N VAL D 12 -20.03 10.33 1.03
CA VAL D 12 -20.09 11.63 1.67
C VAL D 12 -18.68 12.15 1.90
N LYS D 13 -18.55 13.46 1.93
CA LYS D 13 -17.23 14.05 2.11
C LYS D 13 -16.86 14.10 3.59
N PRO D 14 -15.56 14.08 3.89
CA PRO D 14 -15.14 14.22 5.29
C PRO D 14 -15.74 15.49 5.89
N GLY D 15 -16.14 15.37 7.16
CA GLY D 15 -16.72 16.47 7.89
C GLY D 15 -18.23 16.54 7.82
N ALA D 16 -18.84 15.83 6.88
CA ALA D 16 -20.27 15.84 6.75
C ALA D 16 -20.91 14.87 7.76
N SER D 17 -22.24 14.80 7.70
CA SER D 17 -23.01 13.86 8.48
C SER D 17 -23.83 13.02 7.51
N VAL D 18 -24.33 11.89 8.00
CA VAL D 18 -25.23 11.06 7.22
C VAL D 18 -26.23 10.44 8.17
N LYS D 19 -27.43 10.16 7.67
CA LYS D 19 -28.49 9.46 8.43
C LYS D 19 -28.98 8.26 7.61
N ILE D 20 -28.77 7.06 8.18
CA ILE D 20 -29.12 5.77 7.57
C ILE D 20 -30.40 5.26 8.21
N SER D 21 -31.21 4.55 7.44
CA SER D 21 -32.49 4.07 7.95
C SER D 21 -32.61 2.56 7.84
N CYS D 22 -33.54 2.03 8.63
CA CYS D 22 -33.80 0.61 8.78
C CYS D 22 -35.30 0.47 8.98
N LYS D 23 -35.99 -0.05 7.97
CA LYS D 23 -37.44 -0.18 7.99
C LYS D 23 -37.83 -1.61 8.33
N ALA D 24 -38.65 -1.76 9.36
CA ALA D 24 -39.09 -3.06 9.85
C ALA D 24 -40.48 -3.38 9.32
N SER D 25 -40.72 -4.66 9.11
CA SER D 25 -42.05 -5.14 8.76
C SER D 25 -42.20 -6.54 9.29
N GLY D 26 -43.45 -6.96 9.44
CA GLY D 26 -43.77 -8.31 9.83
C GLY D 26 -43.82 -8.58 11.31
N TYR D 27 -43.74 -7.55 12.14
CA TYR D 27 -43.80 -7.72 13.59
C TYR D 27 -44.07 -6.36 14.23
N ALA D 28 -44.28 -6.40 15.56
CA ALA D 28 -44.58 -5.19 16.33
C ALA D 28 -43.29 -4.44 16.61
N PHE D 29 -43.04 -3.41 15.80
CA PHE D 29 -41.78 -2.65 15.85
C PHE D 29 -41.54 -2.06 17.23
N SER D 30 -42.61 -1.65 17.92
CA SER D 30 -42.45 -0.94 19.19
C SER D 30 -41.82 -1.80 20.26
N SER D 31 -41.87 -3.12 20.12
CA SER D 31 -41.69 -4.06 21.22
C SER D 31 -40.36 -4.81 21.21
N TYR D 32 -39.43 -4.47 20.33
CA TYR D 32 -38.14 -5.14 20.27
C TYR D 32 -37.01 -4.14 20.04
N TRP D 33 -35.89 -4.36 20.73
CA TRP D 33 -34.74 -3.50 20.55
C TRP D 33 -34.17 -3.62 19.13
N VAL D 34 -33.75 -2.49 18.58
CA VAL D 34 -33.06 -2.42 17.30
C VAL D 34 -31.62 -2.00 17.57
N ASN D 35 -30.68 -2.78 17.02
CA ASN D 35 -29.26 -2.60 17.27
C ASN D 35 -28.58 -2.18 16.00
N TRP D 36 -27.48 -1.46 16.13
CA TRP D 36 -26.66 -1.06 14.99
C TRP D 36 -25.25 -1.58 15.18
N VAL D 37 -24.67 -2.08 14.09
CA VAL D 37 -23.40 -2.78 14.06
C VAL D 37 -22.57 -2.26 12.91
N LYS D 38 -21.29 -2.01 13.16
CA LYS D 38 -20.32 -1.55 12.16
C LYS D 38 -19.37 -2.68 11.76
N GLN D 39 -19.10 -2.81 10.46
CA GLN D 39 -18.14 -3.78 9.99
C GLN D 39 -17.27 -3.19 8.90
N ARG D 40 -15.96 -3.06 9.16
CA ARG D 40 -15.09 -2.60 8.09
C ARG D 40 -14.74 -3.74 7.15
N PRO D 41 -14.43 -3.42 5.88
CA PRO D 41 -14.15 -4.47 4.89
C PRO D 41 -13.09 -5.45 5.35
N GLY D 42 -13.43 -6.72 5.43
CA GLY D 42 -12.48 -7.76 5.79
C GLY D 42 -12.26 -7.93 7.28
N LYS D 43 -13.01 -7.23 8.12
CA LYS D 43 -12.71 -7.19 9.54
C LYS D 43 -13.95 -7.62 10.31
N GLY D 44 -13.87 -7.47 11.64
CA GLY D 44 -14.92 -7.96 12.51
C GLY D 44 -16.05 -6.99 12.70
N LEU D 45 -16.79 -7.23 13.77
CA LEU D 45 -18.08 -6.60 14.00
C LEU D 45 -18.02 -5.80 15.30
N GLU D 46 -18.57 -4.59 15.25
CA GLU D 46 -18.60 -3.72 16.42
C GLU D 46 -20.03 -3.26 16.67
N TRP D 47 -20.47 -3.33 17.93
CA TRP D 47 -21.81 -2.87 18.29
C TRP D 47 -21.75 -1.41 18.63
N ILE D 48 -22.63 -0.63 18.00
CA ILE D 48 -22.70 0.80 18.19
C ILE D 48 -23.64 1.19 19.32
N GLY D 49 -24.80 0.56 19.37
CA GLY D 49 -25.81 0.89 20.34
C GLY D 49 -27.14 0.30 19.93
N GLN D 50 -28.16 0.63 20.71
CA GLN D 50 -29.49 0.07 20.50
C GLN D 50 -30.55 1.05 20.96
N ILE D 51 -31.75 0.93 20.37
CA ILE D 51 -32.89 1.78 20.71
C ILE D 51 -34.11 0.88 20.88
N TYR D 52 -34.96 1.24 21.85
CA TYR D 52 -36.23 0.57 22.07
C TYR D 52 -37.30 1.45 21.46
N PRO D 53 -37.87 1.10 20.31
CA PRO D 53 -38.73 2.07 19.61
C PRO D 53 -39.98 2.45 20.37
N GLY D 54 -40.47 1.59 21.25
CA GLY D 54 -41.70 1.90 21.97
C GLY D 54 -41.62 3.18 22.77
N ASP D 55 -40.44 3.50 23.33
CA ASP D 55 -40.27 4.70 24.12
C ASP D 55 -39.05 5.54 23.78
N GLY D 56 -38.24 5.14 22.80
CA GLY D 56 -37.10 5.90 22.37
C GLY D 56 -35.86 5.78 23.22
N ASP D 57 -35.87 4.94 24.25
CA ASP D 57 -34.69 4.80 25.09
C ASP D 57 -33.55 4.15 24.32
N THR D 58 -32.33 4.60 24.61
CA THR D 58 -31.12 4.15 23.93
C THR D 58 -30.03 3.74 24.92
N ASN D 59 -29.22 2.76 24.51
CA ASN D 59 -27.98 2.41 25.16
C ASN D 59 -26.87 2.47 24.12
N TYR D 60 -25.78 3.15 24.42
CA TYR D 60 -24.69 3.32 23.48
C TYR D 60 -23.41 2.65 23.94
N ASN D 61 -22.64 2.15 22.97
CA ASN D 61 -21.23 1.87 23.19
C ASN D 61 -20.53 3.21 23.34
N GLY D 62 -19.86 3.43 24.47
CA GLY D 62 -19.20 4.71 24.68
C GLY D 62 -18.25 5.09 23.56
N LYS D 63 -17.70 4.09 22.87
CA LYS D 63 -16.80 4.37 21.76
C LYS D 63 -17.47 5.18 20.66
N PHE D 64 -18.80 5.10 20.57
CA PHE D 64 -19.55 5.80 19.52
C PHE D 64 -20.42 6.94 20.04
N LYS D 65 -20.39 7.25 21.32
CA LYS D 65 -21.13 8.40 21.81
C LYS D 65 -20.61 9.67 21.15
N GLY D 66 -21.53 10.50 20.68
CA GLY D 66 -21.12 11.70 19.97
C GLY D 66 -20.67 11.48 18.53
N LYS D 67 -20.49 10.24 18.10
CA LYS D 67 -20.40 9.92 16.67
C LYS D 67 -21.77 9.51 16.14
N ALA D 68 -22.49 8.68 16.87
CA ALA D 68 -23.73 8.09 16.43
C ALA D 68 -24.89 8.58 17.30
N THR D 69 -26.03 8.87 16.64
CA THR D 69 -27.27 9.19 17.33
C THR D 69 -28.37 8.30 16.79
N LEU D 70 -29.03 7.56 17.67
CA LEU D 70 -30.08 6.62 17.29
C LEU D 70 -31.44 7.22 17.60
N THR D 71 -32.35 7.15 16.62
CA THR D 71 -33.74 7.54 16.81
C THR D 71 -34.66 6.53 16.13
N ALA D 72 -35.97 6.70 16.34
CA ALA D 72 -36.95 5.82 15.73
C ALA D 72 -38.26 6.57 15.50
N ASP D 73 -38.97 6.16 14.45
CA ASP D 73 -40.30 6.68 14.08
C ASP D 73 -41.26 5.48 14.18
N LYS D 74 -42.00 5.38 15.28
CA LYS D 74 -42.87 4.23 15.47
C LYS D 74 -43.89 4.12 14.35
N SER D 75 -44.44 5.25 13.91
CA SER D 75 -45.54 5.22 12.96
C SER D 75 -45.14 4.55 11.65
N SER D 76 -43.91 4.74 11.20
CA SER D 76 -43.46 4.13 9.97
C SER D 76 -42.58 2.92 10.20
N SER D 77 -42.46 2.46 11.44
CA SER D 77 -41.63 1.31 11.77
C SER D 77 -40.21 1.46 11.25
N THR D 78 -39.62 2.63 11.43
CA THR D 78 -38.28 2.90 10.93
C THR D 78 -37.36 3.39 12.04
N ALA D 79 -36.16 2.81 12.10
CA ALA D 79 -35.08 3.26 12.96
C ALA D 79 -34.04 3.99 12.12
N TYR D 80 -33.44 5.03 12.70
CA TYR D 80 -32.41 5.84 12.05
C TYR D 80 -31.15 5.87 12.90
N MET D 81 -30.01 5.93 12.20
CA MET D 81 -28.74 6.19 12.84
C MET D 81 -28.08 7.34 12.08
N GLN D 82 -27.77 8.42 12.79
CA GLN D 82 -27.01 9.53 12.25
C GLN D 82 -25.56 9.42 12.71
N LEU D 83 -24.63 9.58 11.76
CA LEU D 83 -23.20 9.59 12.03
C LEU D 83 -22.65 10.95 11.66
N SER D 84 -21.92 11.57 12.59
CA SER D 84 -21.51 12.96 12.45
C SER D 84 -20.00 13.11 12.32
N SER D 85 -19.58 14.30 11.86
CA SER D 85 -18.17 14.67 11.77
C SER D 85 -17.34 13.55 11.14
N LEU D 86 -17.75 13.18 9.93
CA LEU D 86 -17.27 11.93 9.35
C LEU D 86 -15.82 12.02 8.90
N THR D 87 -15.11 10.91 9.04
CA THR D 87 -13.79 10.73 8.44
C THR D 87 -13.75 9.36 7.79
N SER D 88 -12.65 9.08 7.07
CA SER D 88 -12.50 7.78 6.43
C SER D 88 -12.50 6.64 7.45
N GLU D 89 -12.23 6.93 8.73
CA GLU D 89 -12.33 5.89 9.76
C GLU D 89 -13.78 5.41 9.90
N ASP D 90 -14.76 6.18 9.41
CA ASP D 90 -16.16 5.80 9.46
C ASP D 90 -16.63 5.03 8.21
N SER D 91 -15.79 4.92 7.19
CA SER D 91 -16.16 4.11 6.03
C SER D 91 -16.31 2.66 6.45
N ALA D 92 -17.47 2.08 6.18
CA ALA D 92 -17.77 0.74 6.67
C ALA D 92 -19.14 0.32 6.15
N VAL D 93 -19.48 -0.95 6.39
CA VAL D 93 -20.84 -1.43 6.26
C VAL D 93 -21.50 -1.31 7.62
N TYR D 94 -22.71 -0.76 7.64
CA TYR D 94 -23.50 -0.65 8.87
C TYR D 94 -24.76 -1.50 8.74
N PHE D 95 -25.01 -2.33 9.75
CA PHE D 95 -26.20 -3.16 9.80
C PHE D 95 -27.12 -2.71 10.93
N CYS D 96 -28.42 -2.87 10.75
CA CYS D 96 -29.36 -2.89 11.86
C CYS D 96 -29.78 -4.34 12.11
N ALA D 97 -30.14 -4.63 13.37
CA ALA D 97 -30.50 -5.99 13.73
C ALA D 97 -31.48 -5.95 14.89
N ARG D 98 -32.56 -6.72 14.78
CA ARG D 98 -33.48 -6.91 15.89
C ARG D 98 -32.90 -7.89 16.88
N SER D 99 -33.06 -7.58 18.18
CA SER D 99 -32.68 -8.53 19.23
C SER D 99 -33.90 -8.95 20.03
N ARG D 100 -33.77 -10.08 20.70
CA ARG D 100 -34.84 -10.72 21.43
C ARG D 100 -34.59 -10.60 22.94
N GLY D 101 -35.53 -11.14 23.70
CA GLY D 101 -35.47 -11.09 25.15
C GLY D 101 -34.52 -12.09 25.74
N TYR D 102 -34.46 -12.10 27.07
CA TYR D 102 -33.50 -12.94 27.76
C TYR D 102 -33.81 -14.43 27.58
N PHE D 103 -35.04 -14.80 27.25
CA PHE D 103 -35.34 -16.20 26.95
C PHE D 103 -34.49 -16.70 25.80
N TYR D 104 -34.11 -15.81 24.89
CA TYR D 104 -33.35 -16.15 23.69
C TYR D 104 -31.91 -15.68 23.79
N GLY D 105 -31.37 -15.57 25.01
CA GLY D 105 -30.02 -15.07 25.16
C GLY D 105 -29.85 -13.63 24.72
N SER D 106 -30.96 -12.89 24.63
CA SER D 106 -30.98 -11.53 24.09
C SER D 106 -30.26 -11.44 22.75
N THR D 107 -30.40 -12.48 21.92
CA THR D 107 -29.68 -12.60 20.65
C THR D 107 -30.31 -11.75 19.56
N TYR D 108 -29.50 -11.40 18.56
CA TYR D 108 -30.04 -10.89 17.31
C TYR D 108 -30.74 -12.03 16.57
N ASP D 109 -31.91 -11.74 15.99
CA ASP D 109 -32.59 -12.76 15.19
C ASP D 109 -33.08 -12.30 13.83
N SER D 110 -32.78 -11.06 13.44
CA SER D 110 -33.12 -10.60 12.10
C SER D 110 -32.20 -9.44 11.80
N TRP D 111 -31.68 -9.39 10.57
CA TRP D 111 -30.72 -8.38 10.19
C TRP D 111 -31.15 -7.67 8.92
N GLY D 112 -30.90 -6.37 8.86
CA GLY D 112 -30.93 -5.68 7.59
C GLY D 112 -29.82 -6.17 6.68
N GLN D 113 -29.89 -5.75 5.41
CA GLN D 113 -28.93 -6.23 4.42
C GLN D 113 -27.61 -5.48 4.46
N GLY D 114 -27.51 -4.43 5.27
CA GLY D 114 -26.33 -3.59 5.33
C GLY D 114 -26.44 -2.36 4.44
N THR D 115 -25.78 -1.28 4.89
CA THR D 115 -25.64 -0.04 4.14
C THR D 115 -24.15 0.30 4.10
N THR D 116 -23.60 0.48 2.92
CA THR D 116 -22.20 0.85 2.79
C THR D 116 -22.05 2.36 2.79
N LEU D 117 -21.21 2.87 3.68
CA LEU D 117 -20.84 4.28 3.73
C LEU D 117 -19.39 4.42 3.28
N THR D 118 -19.17 5.30 2.31
CA THR D 118 -17.83 5.68 1.90
C THR D 118 -17.64 7.15 2.26
N VAL D 119 -16.63 7.47 3.06
CA VAL D 119 -16.31 8.84 3.41
C VAL D 119 -15.03 9.20 2.67
N SER D 120 -15.14 10.09 1.69
CA SER D 120 -13.99 10.37 0.83
C SER D 120 -14.21 11.67 0.10
N SER D 121 -13.11 12.34 -0.21
CA SER D 121 -13.14 13.50 -1.09
C SER D 121 -12.96 13.10 -2.55
N ALA D 122 -12.65 11.84 -2.84
CA ALA D 122 -12.38 11.42 -4.21
C ALA D 122 -13.62 11.56 -5.08
N LYS D 123 -13.37 11.71 -6.37
CA LYS D 123 -14.44 12.04 -7.29
C LYS D 123 -15.12 10.77 -7.80
N THR D 124 -16.45 10.84 -7.88
CA THR D 124 -17.23 9.78 -8.52
C THR D 124 -16.82 9.66 -9.99
N THR D 125 -16.53 8.43 -10.39
CA THR D 125 -16.00 8.15 -11.71
C THR D 125 -16.66 6.89 -12.23
N PRO D 126 -17.21 6.90 -13.44
CA PRO D 126 -17.84 5.69 -13.97
C PRO D 126 -16.81 4.70 -14.45
N PRO D 127 -17.15 3.42 -14.50
CA PRO D 127 -16.20 2.42 -14.99
C PRO D 127 -16.07 2.45 -16.51
N SER D 128 -14.88 2.07 -16.96
CA SER D 128 -14.69 1.63 -18.33
C SER D 128 -14.88 0.12 -18.33
N VAL D 129 -15.60 -0.39 -19.32
CA VAL D 129 -15.93 -1.81 -19.36
C VAL D 129 -15.27 -2.38 -20.61
N TYR D 130 -14.37 -3.33 -20.42
CA TYR D 130 -13.58 -3.90 -21.51
C TYR D 130 -13.88 -5.38 -21.67
N PRO D 131 -14.32 -5.80 -22.83
CA PRO D 131 -14.59 -7.23 -23.05
C PRO D 131 -13.29 -7.94 -23.35
N LEU D 132 -13.16 -9.15 -22.78
CA LEU D 132 -11.93 -9.95 -22.93
C LEU D 132 -12.28 -11.24 -23.65
N ALA D 133 -11.91 -11.32 -24.90
CA ALA D 133 -12.05 -12.53 -25.70
C ALA D 133 -10.69 -13.20 -25.84
N PRO D 134 -10.64 -14.51 -26.06
CA PRO D 134 -9.36 -15.17 -26.29
C PRO D 134 -8.67 -14.55 -27.50
N GLY D 135 -7.34 -14.65 -27.53
CA GLY D 135 -6.61 -14.22 -28.70
C GLY D 135 -7.01 -14.95 -29.97
N SER D 136 -7.48 -16.21 -29.85
CA SER D 136 -8.05 -16.92 -31.00
C SER D 136 -8.79 -18.22 -30.61
N SER D 142 -11.65 -27.52 -25.22
CA SER D 142 -13.07 -27.86 -25.30
C SER D 142 -13.97 -26.92 -24.50
N MET D 143 -13.38 -26.17 -23.57
CA MET D 143 -14.04 -25.10 -22.85
C MET D 143 -13.37 -23.79 -23.27
N VAL D 144 -14.12 -22.70 -23.19
CA VAL D 144 -13.60 -21.37 -23.47
C VAL D 144 -13.90 -20.47 -22.29
N THR D 145 -12.92 -19.70 -21.86
CA THR D 145 -13.09 -18.71 -20.80
C THR D 145 -13.08 -17.33 -21.43
N LEU D 146 -14.06 -16.52 -21.06
CA LEU D 146 -14.18 -15.13 -21.48
C LEU D 146 -14.10 -14.25 -20.25
N GLY D 147 -13.86 -12.95 -20.44
CA GLY D 147 -13.71 -12.07 -19.32
C GLY D 147 -14.29 -10.70 -19.58
N CYS D 148 -14.41 -9.96 -18.47
CA CYS D 148 -14.89 -8.59 -18.49
C CYS D 148 -14.05 -7.84 -17.46
N LEU D 149 -13.40 -6.78 -17.90
CA LEU D 149 -12.57 -5.94 -17.04
C LEU D 149 -13.33 -4.64 -16.80
N VAL D 150 -13.54 -4.31 -15.53
CA VAL D 150 -14.34 -3.16 -15.13
C VAL D 150 -13.38 -2.23 -14.39
N LYS D 151 -12.92 -1.19 -15.09
CA LYS D 151 -11.72 -0.47 -14.69
C LYS D 151 -11.99 0.99 -14.36
N GLY D 152 -11.41 1.43 -13.26
CA GLY D 152 -11.30 2.84 -12.98
C GLY D 152 -12.55 3.51 -12.50
N TYR D 153 -13.27 2.91 -11.55
CA TYR D 153 -14.51 3.49 -11.06
C TYR D 153 -14.39 3.88 -9.59
N PHE D 154 -15.30 4.76 -9.16
CA PHE D 154 -15.38 5.14 -7.76
C PHE D 154 -16.75 5.76 -7.53
N PRO D 155 -17.41 5.50 -6.41
CA PRO D 155 -17.08 4.55 -5.34
C PRO D 155 -17.52 3.14 -5.69
N GLU D 156 -17.27 2.19 -4.80
CA GLU D 156 -17.92 0.91 -4.91
C GLU D 156 -19.39 1.08 -4.60
N PRO D 157 -20.23 0.14 -5.03
CA PRO D 157 -19.93 -1.04 -5.83
C PRO D 157 -20.34 -0.91 -7.29
N VAL D 158 -19.96 -1.94 -8.06
CA VAL D 158 -20.55 -2.24 -9.33
C VAL D 158 -21.26 -3.57 -9.22
N THR D 159 -22.20 -3.79 -10.11
CA THR D 159 -22.85 -5.08 -10.26
C THR D 159 -22.49 -5.60 -11.64
N VAL D 160 -21.96 -6.82 -11.69
CA VAL D 160 -21.57 -7.45 -12.95
C VAL D 160 -22.38 -8.72 -13.12
N THR D 161 -23.00 -8.85 -14.29
CA THR D 161 -23.68 -10.08 -14.65
C THR D 161 -23.29 -10.48 -16.07
N TRP D 162 -23.64 -11.72 -16.39
CA TRP D 162 -23.43 -12.27 -17.72
C TRP D 162 -24.77 -12.67 -18.31
N ASN D 163 -25.03 -12.22 -19.53
CA ASN D 163 -26.31 -12.50 -20.19
C ASN D 163 -27.47 -12.17 -19.26
N SER D 164 -27.36 -11.00 -18.64
CA SER D 164 -28.41 -10.43 -17.78
C SER D 164 -28.69 -11.32 -16.56
N GLY D 165 -27.69 -12.11 -16.17
CA GLY D 165 -27.82 -12.99 -15.03
C GLY D 165 -28.19 -14.40 -15.39
N SER D 166 -28.58 -14.66 -16.64
CA SER D 166 -28.99 -16.02 -16.98
C SER D 166 -27.78 -16.94 -17.12
N LEU D 167 -26.59 -16.39 -17.37
CA LEU D 167 -25.34 -17.15 -17.37
C LEU D 167 -24.73 -16.96 -15.99
N SER D 168 -24.96 -17.93 -15.10
CA SER D 168 -24.57 -17.84 -13.71
C SER D 168 -23.59 -18.91 -13.26
N SER D 169 -23.61 -20.09 -13.85
CA SER D 169 -22.62 -21.10 -13.50
C SER D 169 -21.34 -20.85 -14.29
N GLY D 170 -20.22 -21.26 -13.72
CA GLY D 170 -18.94 -21.05 -14.36
C GLY D 170 -18.42 -19.63 -14.30
N VAL D 171 -18.98 -18.79 -13.43
CA VAL D 171 -18.59 -17.40 -13.32
C VAL D 171 -17.71 -17.23 -12.10
N HIS D 172 -16.67 -16.41 -12.22
CA HIS D 172 -15.94 -15.91 -11.05
C HIS D 172 -15.87 -14.41 -11.17
N THR D 173 -16.42 -13.71 -10.19
CA THR D 173 -16.31 -12.24 -10.13
C THR D 173 -15.42 -11.89 -8.94
N PHE D 174 -14.33 -11.24 -9.23
CA PHE D 174 -13.25 -11.06 -8.27
C PHE D 174 -13.40 -9.79 -7.47
N PRO D 175 -12.95 -9.77 -6.23
CA PRO D 175 -13.03 -8.54 -5.44
C PRO D 175 -12.30 -7.40 -6.13
N ALA D 176 -12.87 -6.20 -6.03
CA ALA D 176 -12.23 -5.03 -6.59
C ALA D 176 -10.94 -4.71 -5.85
N VAL D 177 -10.00 -4.10 -6.56
CA VAL D 177 -8.76 -3.60 -6.00
C VAL D 177 -8.73 -2.09 -6.14
N LEU D 178 -8.28 -1.41 -5.10
CA LEU D 178 -8.24 0.04 -5.07
C LEU D 178 -6.82 0.51 -5.34
N GLN D 179 -6.67 1.46 -6.26
CA GLN D 179 -5.39 2.10 -6.48
C GLN D 179 -5.64 3.54 -6.94
N SER D 180 -4.96 4.49 -6.31
CA SER D 180 -5.04 5.89 -6.73
C SER D 180 -6.49 6.35 -6.80
N ASP D 181 -7.25 5.99 -5.77
CA ASP D 181 -8.63 6.43 -5.60
C ASP D 181 -9.58 5.87 -6.65
N LEU D 182 -9.19 4.82 -7.37
CA LEU D 182 -10.06 4.17 -8.33
C LEU D 182 -10.04 2.66 -8.14
N TYR D 183 -11.18 2.03 -8.35
CA TYR D 183 -11.31 0.59 -8.22
C TYR D 183 -11.27 -0.08 -9.58
N THR D 184 -10.80 -1.32 -9.60
CA THR D 184 -10.84 -2.17 -10.77
C THR D 184 -11.23 -3.57 -10.33
N LEU D 185 -12.11 -4.20 -11.10
CA LEU D 185 -12.40 -5.59 -10.87
C LEU D 185 -12.51 -6.30 -12.20
N SER D 186 -12.53 -7.62 -12.13
CA SER D 186 -12.69 -8.43 -13.31
C SER D 186 -13.66 -9.55 -12.99
N SER D 187 -14.20 -10.14 -14.06
CA SER D 187 -15.07 -11.30 -13.96
C SER D 187 -14.74 -12.22 -15.11
N SER D 188 -14.72 -13.51 -14.84
CA SER D 188 -14.50 -14.52 -15.86
C SER D 188 -15.73 -15.41 -15.94
N VAL D 189 -15.97 -15.95 -17.13
CA VAL D 189 -17.01 -16.98 -17.31
C VAL D 189 -16.45 -18.05 -18.24
N THR D 190 -16.71 -19.31 -17.90
CA THR D 190 -16.22 -20.43 -18.68
C THR D 190 -17.40 -21.23 -19.20
N VAL D 191 -17.42 -21.44 -20.52
CA VAL D 191 -18.56 -22.09 -21.19
C VAL D 191 -18.02 -23.13 -22.16
N PRO D 192 -18.85 -24.08 -22.56
CA PRO D 192 -18.42 -25.03 -23.59
C PRO D 192 -18.10 -24.31 -24.89
N SER D 193 -17.06 -24.78 -25.58
CA SER D 193 -16.70 -24.15 -26.85
C SER D 193 -17.79 -24.28 -27.89
N SER D 194 -18.68 -25.25 -27.77
CA SER D 194 -19.81 -25.38 -28.67
C SER D 194 -20.84 -24.29 -28.45
N THR D 195 -20.68 -23.45 -27.41
CA THR D 195 -21.68 -22.42 -27.15
C THR D 195 -21.22 -21.00 -27.41
N TRP D 196 -19.93 -20.74 -27.61
CA TRP D 196 -19.45 -19.40 -27.95
C TRP D 196 -18.31 -19.60 -28.95
N PRO D 197 -18.28 -18.85 -30.07
CA PRO D 197 -19.13 -17.69 -30.38
C PRO D 197 -20.40 -18.01 -31.14
N SER D 198 -20.79 -19.29 -31.21
CA SER D 198 -22.03 -19.60 -31.91
C SER D 198 -23.24 -18.99 -31.21
N GLU D 199 -23.16 -18.78 -29.90
CA GLU D 199 -24.17 -18.04 -29.16
C GLU D 199 -23.51 -16.81 -28.55
N THR D 200 -24.32 -15.82 -28.19
CA THR D 200 -23.77 -14.54 -27.74
C THR D 200 -23.59 -14.55 -26.24
N VAL D 201 -22.46 -14.01 -25.80
CA VAL D 201 -22.18 -13.79 -24.39
C VAL D 201 -21.95 -12.29 -24.21
N THR D 202 -22.62 -11.70 -23.21
CA THR D 202 -22.57 -10.27 -22.94
C THR D 202 -22.25 -10.04 -21.47
N CYS D 203 -21.30 -9.14 -21.21
CA CYS D 203 -21.04 -8.60 -19.87
C CYS D 203 -21.96 -7.41 -19.63
N ASN D 204 -22.64 -7.41 -18.49
CA ASN D 204 -23.51 -6.31 -18.10
C ASN D 204 -22.97 -5.69 -16.81
N VAL D 205 -22.75 -4.39 -16.83
CA VAL D 205 -22.19 -3.68 -15.69
C VAL D 205 -23.10 -2.53 -15.30
N ALA D 206 -23.42 -2.45 -14.02
CA ALA D 206 -24.15 -1.30 -13.47
C ALA D 206 -23.29 -0.63 -12.42
N HIS D 207 -23.21 0.69 -12.47
CA HIS D 207 -22.52 1.49 -11.45
C HIS D 207 -23.53 2.53 -10.97
N PRO D 208 -24.31 2.20 -9.95
CA PRO D 208 -25.38 3.12 -9.51
C PRO D 208 -24.88 4.49 -9.10
N ALA D 209 -23.69 4.61 -8.52
CA ALA D 209 -23.25 5.91 -8.03
C ALA D 209 -23.11 6.92 -9.16
N SER D 210 -22.80 6.46 -10.37
CA SER D 210 -22.71 7.34 -11.53
C SER D 210 -23.89 7.18 -12.47
N SER D 211 -24.93 6.45 -12.04
CA SER D 211 -26.14 6.24 -12.83
C SER D 211 -25.79 5.75 -14.24
N THR D 212 -24.93 4.74 -14.29
CA THR D 212 -24.42 4.17 -15.52
C THR D 212 -24.77 2.69 -15.61
N LYS D 213 -25.19 2.27 -16.81
CA LYS D 213 -25.31 0.87 -17.15
C LYS D 213 -24.66 0.66 -18.52
N VAL D 214 -23.85 -0.39 -18.63
CA VAL D 214 -23.14 -0.70 -19.86
C VAL D 214 -23.32 -2.18 -20.18
N ASP D 215 -23.62 -2.48 -21.44
CA ASP D 215 -23.57 -3.84 -21.94
C ASP D 215 -22.53 -3.94 -23.05
N LYS D 216 -21.67 -4.94 -22.94
CA LYS D 216 -20.62 -5.21 -23.93
C LYS D 216 -20.70 -6.67 -24.32
N LYS D 217 -20.99 -6.95 -25.59
CA LYS D 217 -20.83 -8.33 -26.05
C LYS D 217 -19.36 -8.69 -26.08
N ILE D 218 -19.06 -9.95 -25.80
CA ILE D 218 -17.71 -10.50 -25.95
C ILE D 218 -17.62 -11.02 -27.37
N VAL D 219 -16.87 -10.33 -28.21
CA VAL D 219 -16.85 -10.57 -29.65
C VAL D 219 -15.60 -11.38 -29.99
N PRO D 220 -15.71 -12.43 -30.78
CA PRO D 220 -14.51 -13.21 -31.10
C PRO D 220 -13.54 -12.38 -31.91
N ARG D 221 -12.25 -12.61 -31.67
CA ARG D 221 -11.22 -11.88 -32.43
C ARG D 221 -10.40 -12.85 -33.28
#